data_7T1I
#
_entry.id   7T1I
#
_cell.length_a   87.969
_cell.length_b   92.109
_cell.length_c   99.099
_cell.angle_alpha   90.000
_cell.angle_beta   90.000
_cell.angle_gamma   90.000
#
_symmetry.space_group_name_H-M   'P 21 21 21'
#
loop_
_entity.id
_entity.type
_entity.pdbx_description
1 polymer 'Pantothenate kinase CAB1'
2 non-polymer (8S)-2-{[(4-tert-butylphenyl)methyl]amino}-5-[(piperidin-1-yl)methyl][1,2,4]triazolo[1,5-a]pyrimidin-7(6H)-one
3 non-polymer 'SULFATE ION'
4 non-polymer 1,2-ETHANEDIOL
5 non-polymer DI(HYDROXYETHYL)ETHER
6 water water
#
_entity_poly.entity_id   1
_entity_poly.type   'polypeptide(L)'
_entity_poly.pdbx_seq_one_letter_code
;MAHHHHHHMPRITQEISYNCDYGDNTFNLAIDIGGTLAKVVFSPIHSNRLMFYTIETEKIDKFMELLHSIIKEHNNGCYR
MTHIIATGGGAFKFYDLLYENFPQIKGISRFEEMEGLIHGLDFFIHEIPDEVFTYNDQDGERIIPTSSGTMDSKAIYPYL
LVNIGSGVSILKVTEPNNFSRVGGSSLGGGTLWGLLSLITGAQTYDQMLDWAQEGDNSSVDMLVGDIYGTDYNKIGLKSS
AIASSFGKVFQNRMTSNKSLENNENKLYSSHESIEKNNGQMFKNPDICKSLLFAISNNIGQIAYLQAKINNIQNIYFGGS
YTRGHLTTMNTLSYAINFWSQGSKQAFFLKHEGYLGAMGAFLSASRHSSTKKTST
;
_entity_poly.pdbx_strand_id   A,B
#
loop_
_chem_comp.id
_chem_comp.type
_chem_comp.name
_chem_comp.formula
E4C non-polymer (8S)-2-{[(4-tert-butylphenyl)methyl]amino}-5-[(piperidin-1-yl)methyl][1,2,4]triazolo[1,5-a]pyrimidin-7(6H)-one 'C22 H30 N6 O'
EDO non-polymer 1,2-ETHANEDIOL 'C2 H6 O2'
PEG non-polymer DI(HYDROXYETHYL)ETHER 'C4 H10 O3'
SO4 non-polymer 'SULFATE ION' 'O4 S -2'
#
# COMPACT_ATOMS: atom_id res chain seq x y z
N GLN A 14 0.21 -19.83 -25.16
CA GLN A 14 0.15 -18.83 -26.28
C GLN A 14 1.55 -18.71 -26.91
N GLU A 15 1.86 -19.62 -27.85
CA GLU A 15 3.22 -19.82 -28.34
C GLU A 15 3.77 -18.57 -28.98
N ILE A 16 5.09 -18.46 -29.00
CA ILE A 16 5.78 -17.37 -29.68
C ILE A 16 6.65 -18.01 -30.75
N SER A 17 6.78 -17.35 -31.91
CA SER A 17 7.75 -17.82 -32.89
C SER A 17 9.07 -17.13 -32.64
N TYR A 18 10.11 -17.94 -32.42
CA TYR A 18 11.44 -17.40 -32.25
C TYR A 18 12.44 -18.40 -32.84
N ASN A 19 13.41 -17.89 -33.60
CA ASN A 19 14.49 -18.70 -34.11
C ASN A 19 15.42 -19.07 -32.95
N CYS A 20 15.28 -20.29 -32.39
CA CYS A 20 16.19 -20.68 -31.32
C CYS A 20 17.46 -21.28 -31.91
N ASP A 21 18.51 -21.27 -31.10
CA ASP A 21 19.75 -21.96 -31.43
C ASP A 21 19.60 -23.36 -30.86
N TYR A 22 19.71 -24.39 -31.70
CA TYR A 22 19.51 -25.75 -31.22
C TYR A 22 20.81 -26.53 -31.32
N GLY A 23 21.93 -25.81 -31.42
CA GLY A 23 23.23 -26.37 -31.76
C GLY A 23 23.71 -27.49 -30.83
N ASP A 24 23.32 -27.45 -29.55
CA ASP A 24 23.78 -28.41 -28.56
C ASP A 24 22.71 -29.49 -28.35
N ASN A 25 21.67 -29.47 -29.20
CA ASN A 25 20.67 -30.52 -29.27
C ASN A 25 20.05 -30.84 -27.90
N THR A 26 19.99 -29.83 -27.03
CA THR A 26 19.38 -29.95 -25.71
C THR A 26 17.95 -29.44 -25.73
N PHE A 27 17.05 -30.23 -25.16
CA PHE A 27 15.68 -29.83 -24.91
C PHE A 27 15.66 -29.15 -23.54
N ASN A 28 15.42 -27.84 -23.51
CA ASN A 28 15.47 -27.04 -22.30
C ASN A 28 14.09 -26.80 -21.71
N LEU A 29 13.88 -27.37 -20.52
CA LEU A 29 12.67 -27.22 -19.74
C LEU A 29 12.97 -26.20 -18.63
N ALA A 30 12.54 -24.95 -18.84
CA ALA A 30 12.69 -23.93 -17.83
C ALA A 30 11.45 -23.89 -16.95
N ILE A 31 11.67 -24.04 -15.65
CA ILE A 31 10.55 -24.04 -14.73
C ILE A 31 10.77 -22.91 -13.71
N ASP A 32 9.69 -22.22 -13.38
CA ASP A 32 9.71 -21.17 -12.37
C ASP A 32 8.66 -21.50 -11.30
N ILE A 33 9.13 -21.93 -10.13
CA ILE A 33 8.22 -22.42 -9.12
C ILE A 33 8.06 -21.36 -8.04
N GLY A 34 6.94 -20.62 -8.14
CA GLY A 34 6.60 -19.58 -7.19
C GLY A 34 5.95 -20.15 -5.94
N GLY A 35 5.60 -19.23 -5.02
CA GLY A 35 4.76 -19.53 -3.89
C GLY A 35 3.44 -20.15 -4.31
N THR A 36 2.88 -19.77 -5.47
CA THR A 36 1.52 -20.18 -5.81
CA THR A 36 1.53 -20.21 -5.81
C THR A 36 1.49 -20.79 -7.22
N LEU A 37 2.26 -20.20 -8.12
CA LEU A 37 2.19 -20.62 -9.51
C LEU A 37 3.55 -21.12 -9.98
N ALA A 38 3.50 -22.24 -10.69
CA ALA A 38 4.67 -22.84 -11.30
C ALA A 38 4.49 -22.69 -12.80
N LYS A 39 5.45 -22.01 -13.45
CA LYS A 39 5.44 -21.73 -14.88
C LYS A 39 6.50 -22.59 -15.58
N VAL A 40 6.23 -22.98 -16.84
CA VAL A 40 7.18 -23.76 -17.61
CA VAL A 40 7.22 -23.73 -17.60
C VAL A 40 7.34 -23.10 -18.98
N VAL A 41 8.58 -23.02 -19.47
CA VAL A 41 8.88 -22.50 -20.79
C VAL A 41 9.83 -23.49 -21.43
N PHE A 42 9.53 -23.86 -22.68
CA PHE A 42 10.28 -24.89 -23.37
C PHE A 42 10.12 -24.69 -24.86
N SER A 43 11.01 -25.30 -25.64
CA SER A 43 10.94 -25.23 -27.09
C SER A 43 11.29 -26.59 -27.66
N PRO A 44 10.33 -27.37 -28.22
CA PRO A 44 10.67 -28.62 -28.93
C PRO A 44 11.81 -28.30 -29.89
N ILE A 45 12.80 -29.18 -29.92
CA ILE A 45 14.02 -28.96 -30.70
C ILE A 45 13.62 -28.85 -32.17
N HIS A 46 14.13 -27.82 -32.87
CA HIS A 46 13.91 -27.55 -34.29
C HIS A 46 12.61 -26.79 -34.61
N SER A 47 11.68 -26.71 -33.65
CA SER A 47 10.35 -26.09 -33.78
C SER A 47 10.38 -24.59 -34.06
N ASN A 48 11.32 -23.86 -33.44
CA ASN A 48 11.33 -22.41 -33.44
C ASN A 48 10.05 -21.87 -32.78
N ARG A 49 9.58 -22.59 -31.75
CA ARG A 49 8.39 -22.22 -30.99
C ARG A 49 8.73 -22.20 -29.50
N LEU A 50 8.37 -21.12 -28.80
CA LEU A 50 8.46 -21.11 -27.35
C LEU A 50 7.07 -21.42 -26.79
N MET A 51 6.96 -22.37 -25.86
CA MET A 51 5.64 -22.73 -25.36
C MET A 51 5.57 -22.57 -23.84
N PHE A 52 4.37 -22.25 -23.33
CA PHE A 52 4.21 -21.78 -21.97
C PHE A 52 3.04 -22.49 -21.29
N TYR A 53 3.26 -23.03 -20.09
CA TYR A 53 2.11 -23.43 -19.28
C TYR A 53 2.28 -22.96 -17.85
N THR A 54 1.17 -22.98 -17.13
CA THR A 54 1.15 -22.62 -15.72
C THR A 54 0.25 -23.64 -15.02
N ILE A 55 0.73 -24.14 -13.88
CA ILE A 55 -0.06 -24.98 -12.99
C ILE A 55 0.21 -24.50 -11.55
N GLU A 56 -0.69 -24.83 -10.63
CA GLU A 56 -0.50 -24.42 -9.25
C GLU A 56 0.69 -25.14 -8.64
N THR A 57 1.46 -24.40 -7.83
CA THR A 57 2.58 -24.95 -7.10
C THR A 57 2.10 -26.05 -6.15
N GLU A 58 0.94 -25.83 -5.49
CA GLU A 58 0.43 -26.77 -4.50
C GLU A 58 0.08 -28.12 -5.13
N LYS A 59 -0.19 -28.12 -6.43
CA LYS A 59 -0.33 -29.36 -7.17
C LYS A 59 1.04 -29.83 -7.69
N ILE A 60 1.95 -30.17 -6.77
CA ILE A 60 3.36 -30.32 -7.13
C ILE A 60 3.54 -31.62 -7.92
N ASP A 61 2.77 -32.64 -7.53
CA ASP A 61 2.71 -33.90 -8.24
C ASP A 61 2.28 -33.63 -9.69
N LYS A 62 1.13 -32.96 -9.85
CA LYS A 62 0.60 -32.71 -11.18
C LYS A 62 1.63 -31.92 -11.98
N PHE A 63 2.40 -31.04 -11.32
CA PHE A 63 3.41 -30.24 -12.02
C PHE A 63 4.49 -31.16 -12.62
N MET A 64 4.89 -32.17 -11.84
CA MET A 64 5.86 -33.13 -12.29
C MET A 64 5.33 -34.03 -13.40
N GLU A 65 4.07 -34.46 -13.29
CA GLU A 65 3.45 -35.22 -14.38
C GLU A 65 3.49 -34.40 -15.67
N LEU A 66 3.17 -33.11 -15.58
CA LEU A 66 3.19 -32.26 -16.76
C LEU A 66 4.61 -32.18 -17.35
N LEU A 67 5.62 -32.15 -16.46
CA LEU A 67 6.99 -32.09 -16.95
C LEU A 67 7.33 -33.37 -17.72
N HIS A 68 7.03 -34.55 -17.15
CA HIS A 68 7.25 -35.83 -17.84
C HIS A 68 6.47 -35.85 -19.15
N SER A 69 5.22 -35.39 -19.08
CA SER A 69 4.36 -35.34 -20.24
C SER A 69 4.95 -34.49 -21.39
N ILE A 70 5.57 -33.35 -21.06
CA ILE A 70 6.16 -32.47 -22.05
C ILE A 70 7.37 -33.15 -22.70
N ILE A 71 8.17 -33.88 -21.90
CA ILE A 71 9.31 -34.58 -22.43
C ILE A 71 8.82 -35.67 -23.39
N LYS A 72 7.83 -36.44 -22.92
CA LYS A 72 7.22 -37.50 -23.71
C LYS A 72 6.77 -36.98 -25.07
N GLU A 73 6.01 -35.88 -25.09
CA GLU A 73 5.30 -35.47 -26.29
C GLU A 73 6.11 -34.53 -27.15
N HIS A 74 6.96 -33.69 -26.55
CA HIS A 74 7.64 -32.67 -27.32
C HIS A 74 9.14 -32.95 -27.52
N ASN A 75 9.66 -33.98 -26.85
CA ASN A 75 11.06 -34.35 -27.00
C ASN A 75 11.18 -35.86 -27.05
N ASN A 76 10.14 -36.53 -27.57
CA ASN A 76 10.23 -37.92 -28.00
C ASN A 76 10.58 -38.84 -26.81
N GLY A 77 10.24 -38.42 -25.60
CA GLY A 77 10.51 -39.21 -24.40
C GLY A 77 11.99 -39.33 -24.05
N CYS A 78 12.81 -38.41 -24.57
CA CYS A 78 14.26 -38.54 -24.48
C CYS A 78 14.78 -37.69 -23.31
N TYR A 79 14.90 -38.32 -22.13
CA TYR A 79 15.33 -37.68 -20.90
C TYR A 79 16.78 -37.21 -20.99
N ARG A 80 17.63 -38.00 -21.66
CA ARG A 80 19.06 -37.84 -21.66
C ARG A 80 19.48 -36.52 -22.29
N MET A 81 18.57 -35.96 -23.11
CA MET A 81 18.81 -34.72 -23.82
C MET A 81 18.07 -33.56 -23.15
N THR A 82 17.36 -33.83 -22.06
CA THR A 82 16.57 -32.82 -21.39
C THR A 82 17.41 -32.16 -20.31
N HIS A 83 17.44 -30.84 -20.31
CA HIS A 83 18.02 -30.05 -19.23
C HIS A 83 16.93 -29.25 -18.52
N ILE A 84 16.75 -29.49 -17.20
CA ILE A 84 15.81 -28.72 -16.43
C ILE A 84 16.52 -27.51 -15.84
N ILE A 85 16.00 -26.31 -16.09
CA ILE A 85 16.53 -25.15 -15.39
C ILE A 85 15.41 -24.52 -14.58
N ALA A 86 15.64 -24.45 -13.26
CA ALA A 86 14.64 -24.02 -12.27
C ALA A 86 14.99 -22.65 -11.70
N THR A 87 13.93 -21.86 -11.51
CA THR A 87 14.01 -20.58 -10.85
C THR A 87 12.81 -20.43 -9.91
N GLY A 88 12.71 -19.26 -9.24
CA GLY A 88 11.80 -19.07 -8.11
C GLY A 88 12.16 -19.88 -6.86
N GLY A 89 11.39 -19.67 -5.80
CA GLY A 89 11.70 -20.29 -4.52
C GLY A 89 11.83 -21.80 -4.66
N GLY A 90 10.96 -22.40 -5.48
CA GLY A 90 10.91 -23.85 -5.62
C GLY A 90 12.19 -24.50 -6.16
N ALA A 91 13.04 -23.75 -6.88
CA ALA A 91 14.35 -24.18 -7.39
C ALA A 91 15.24 -24.67 -6.24
N PHE A 92 15.01 -24.12 -5.04
CA PHE A 92 15.66 -24.60 -3.84
C PHE A 92 14.74 -25.60 -3.17
N LYS A 93 13.51 -25.17 -2.92
CA LYS A 93 12.59 -25.86 -2.02
C LYS A 93 12.24 -27.26 -2.57
N PHE A 94 12.08 -27.37 -3.90
CA PHE A 94 11.64 -28.61 -4.52
C PHE A 94 12.77 -29.24 -5.34
N TYR A 95 14.01 -28.74 -5.19
CA TYR A 95 15.11 -29.24 -5.96
C TYR A 95 15.32 -30.75 -5.75
N ASP A 96 15.39 -31.19 -4.48
CA ASP A 96 15.55 -32.60 -4.18
C ASP A 96 14.45 -33.42 -4.87
N LEU A 97 13.21 -33.01 -4.69
CA LEU A 97 12.09 -33.78 -5.21
C LEU A 97 12.22 -33.90 -6.74
N LEU A 98 12.65 -32.79 -7.37
CA LEU A 98 12.85 -32.76 -8.81
C LEU A 98 13.97 -33.70 -9.21
N TYR A 99 15.11 -33.65 -8.52
CA TYR A 99 16.25 -34.47 -8.87
C TYR A 99 15.85 -35.94 -8.79
N GLU A 100 15.05 -36.23 -7.77
CA GLU A 100 14.60 -37.57 -7.47
C GLU A 100 13.60 -38.03 -8.52
N ASN A 101 12.82 -37.11 -9.09
CA ASN A 101 11.75 -37.54 -9.96
C ASN A 101 12.16 -37.62 -11.44
N PHE A 102 13.37 -37.14 -11.76
CA PHE A 102 13.87 -37.07 -13.12
C PHE A 102 15.27 -37.68 -13.14
N PRO A 103 15.40 -38.96 -12.76
CA PRO A 103 16.72 -39.59 -12.65
C PRO A 103 17.53 -39.50 -13.94
N GLN A 104 16.87 -39.45 -15.10
CA GLN A 104 17.63 -39.79 -16.29
C GLN A 104 18.06 -38.55 -17.10
N ILE A 105 17.72 -37.34 -16.65
CA ILE A 105 17.91 -36.12 -17.41
C ILE A 105 19.39 -35.73 -17.48
N LYS A 106 19.76 -34.92 -18.47
CA LYS A 106 21.11 -34.43 -18.63
C LYS A 106 21.54 -33.71 -17.35
N GLY A 107 20.63 -32.90 -16.79
CA GLY A 107 20.91 -32.31 -15.49
C GLY A 107 19.79 -31.37 -15.07
N ILE A 108 19.75 -31.06 -13.77
CA ILE A 108 18.87 -30.04 -13.24
C ILE A 108 19.72 -28.96 -12.58
N SER A 109 19.52 -27.73 -13.02
CA SER A 109 20.32 -26.62 -12.52
C SER A 109 19.42 -25.44 -12.16
N ARG A 110 19.93 -24.50 -11.37
CA ARG A 110 19.10 -23.39 -10.91
C ARG A 110 19.55 -22.10 -11.58
N PHE A 111 18.61 -21.15 -11.72
CA PHE A 111 18.95 -19.82 -12.17
C PHE A 111 18.30 -18.84 -11.18
N GLU A 112 19.05 -17.77 -10.85
CA GLU A 112 18.64 -16.82 -9.82
C GLU A 112 17.39 -16.05 -10.27
N GLU A 113 16.47 -15.84 -9.31
CA GLU A 113 15.13 -15.41 -9.63
C GLU A 113 15.10 -14.00 -10.22
N MET A 114 15.81 -13.05 -9.59
CA MET A 114 15.76 -11.68 -10.06
C MET A 114 16.47 -11.57 -11.42
N GLU A 115 17.54 -12.36 -11.61
CA GLU A 115 18.24 -12.38 -12.88
C GLU A 115 17.32 -12.94 -13.98
N GLY A 116 16.55 -13.97 -13.60
CA GLY A 116 15.60 -14.58 -14.51
C GLY A 116 14.55 -13.59 -14.99
N LEU A 117 13.85 -12.93 -14.05
CA LEU A 117 12.84 -11.93 -14.38
C LEU A 117 13.39 -10.92 -15.38
N ILE A 118 14.54 -10.32 -15.05
CA ILE A 118 15.14 -9.26 -15.84
C ILE A 118 15.57 -9.81 -17.20
N HIS A 119 16.23 -10.97 -17.21
CA HIS A 119 16.64 -11.60 -18.45
C HIS A 119 15.42 -11.89 -19.34
N GLY A 120 14.30 -12.29 -18.74
CA GLY A 120 13.13 -12.58 -19.55
C GLY A 120 12.49 -11.30 -20.11
N LEU A 121 12.34 -10.30 -19.23
CA LEU A 121 11.72 -9.05 -19.62
C LEU A 121 12.58 -8.41 -20.70
N ASP A 122 13.89 -8.33 -20.50
CA ASP A 122 14.76 -7.68 -21.47
C ASP A 122 14.63 -8.34 -22.84
N PHE A 123 14.50 -9.67 -22.85
CA PHE A 123 14.35 -10.41 -24.08
C PHE A 123 13.06 -10.00 -24.78
N PHE A 124 11.93 -10.00 -24.05
CA PHE A 124 10.65 -9.64 -24.65
C PHE A 124 10.72 -8.21 -25.17
N ILE A 125 11.39 -7.32 -24.42
CA ILE A 125 11.47 -5.93 -24.81
C ILE A 125 12.25 -5.79 -26.12
N HIS A 126 13.25 -6.64 -26.34
CA HIS A 126 14.16 -6.39 -27.46
C HIS A 126 13.84 -7.26 -28.68
N GLU A 127 13.13 -8.38 -28.50
CA GLU A 127 13.15 -9.44 -29.51
C GLU A 127 11.75 -9.87 -29.94
N ILE A 128 10.75 -9.73 -29.05
CA ILE A 128 9.41 -10.25 -29.37
C ILE A 128 8.46 -9.12 -29.80
N PRO A 129 8.10 -9.04 -31.10
CA PRO A 129 7.06 -8.10 -31.53
C PRO A 129 5.71 -8.44 -30.89
N ASP A 130 4.85 -7.44 -30.71
CA ASP A 130 3.50 -7.68 -30.20
C ASP A 130 3.52 -8.25 -28.79
N GLU A 131 4.49 -7.82 -27.96
CA GLU A 131 4.60 -8.38 -26.61
C GLU A 131 4.34 -7.26 -25.59
N VAL A 132 4.94 -6.11 -25.85
CA VAL A 132 4.88 -4.97 -24.97
C VAL A 132 3.74 -4.07 -25.45
N PHE A 133 2.88 -3.62 -24.52
CA PHE A 133 1.79 -2.72 -24.91
C PHE A 133 1.38 -1.82 -23.75
N THR A 134 0.90 -0.62 -24.14
CA THR A 134 0.27 0.32 -23.23
C THR A 134 -1.23 0.11 -23.34
N TYR A 135 -1.94 0.45 -22.27
CA TYR A 135 -3.39 0.38 -22.26
C TYR A 135 -3.94 1.35 -21.22
N ASN A 136 -4.86 2.23 -21.67
CA ASN A 136 -5.84 2.89 -20.82
C ASN A 136 -7.18 2.96 -21.58
N ASP A 137 -8.25 3.31 -20.87
CA ASP A 137 -9.59 3.28 -21.44
C ASP A 137 -9.75 4.38 -22.48
N GLN A 138 -8.99 5.45 -22.35
CA GLN A 138 -9.12 6.55 -23.31
C GLN A 138 -8.49 6.13 -24.66
N ASP A 139 -7.29 5.54 -24.62
CA ASP A 139 -6.46 5.33 -25.78
C ASP A 139 -6.64 3.94 -26.39
N GLY A 140 -7.22 2.99 -25.63
CA GLY A 140 -7.21 1.57 -25.98
C GLY A 140 -5.81 0.94 -25.87
N GLU A 141 -5.60 -0.16 -26.60
CA GLU A 141 -4.37 -0.93 -26.57
C GLU A 141 -3.41 -0.37 -27.62
N ARG A 142 -2.14 -0.18 -27.26
CA ARG A 142 -1.12 0.20 -28.23
C ARG A 142 0.10 -0.70 -28.06
N ILE A 143 0.35 -1.51 -29.10
CA ILE A 143 1.52 -2.35 -29.19
C ILE A 143 2.74 -1.45 -29.41
N ILE A 144 3.82 -1.73 -28.68
CA ILE A 144 5.05 -0.97 -28.87
C ILE A 144 5.95 -1.74 -29.84
N PRO A 145 6.59 -1.06 -30.82
CA PRO A 145 7.49 -1.72 -31.78
C PRO A 145 8.92 -1.78 -31.21
N THR A 146 9.12 -2.73 -30.29
CA THR A 146 10.15 -2.66 -29.26
C THR A 146 11.48 -3.29 -29.73
N LYS A 154 18.76 2.61 -26.92
CA LYS A 154 19.05 2.46 -25.46
C LYS A 154 18.29 3.55 -24.69
N ALA A 155 17.23 4.09 -25.32
CA ALA A 155 16.12 4.80 -24.70
C ALA A 155 15.14 3.79 -24.12
N ILE A 156 15.65 2.57 -23.89
CA ILE A 156 14.97 1.52 -23.14
C ILE A 156 15.29 1.75 -21.66
N TYR A 157 16.55 2.09 -21.39
CA TYR A 157 17.11 2.14 -20.05
C TYR A 157 17.15 3.57 -19.52
N PRO A 158 16.97 3.77 -18.20
CA PRO A 158 16.70 2.66 -17.29
C PRO A 158 15.19 2.40 -17.25
N TYR A 159 14.80 1.20 -16.83
CA TYR A 159 13.39 0.87 -16.77
C TYR A 159 13.10 0.14 -15.46
N LEU A 160 11.83 0.14 -15.07
CA LEU A 160 11.44 -0.49 -13.83
C LEU A 160 10.61 -1.73 -14.18
N LEU A 161 10.73 -2.77 -13.36
CA LEU A 161 9.82 -3.89 -13.49
C LEU A 161 9.09 -4.05 -12.16
N VAL A 162 7.78 -4.09 -12.26
CA VAL A 162 6.95 -4.35 -11.09
C VAL A 162 6.31 -5.70 -11.32
N ASN A 163 6.78 -6.67 -10.53
CA ASN A 163 6.40 -8.05 -10.76
C ASN A 163 5.37 -8.45 -9.72
N ILE A 164 4.11 -8.55 -10.17
CA ILE A 164 2.99 -8.74 -9.25
C ILE A 164 2.57 -10.19 -9.31
N GLY A 165 2.93 -10.94 -8.28
CA GLY A 165 2.37 -12.28 -8.14
C GLY A 165 1.47 -12.32 -6.91
N SER A 166 1.76 -13.27 -6.01
CA SER A 166 1.11 -13.24 -4.71
C SER A 166 1.47 -11.94 -3.97
N GLY A 167 2.78 -11.64 -4.00
CA GLY A 167 3.31 -10.38 -3.54
C GLY A 167 3.87 -9.61 -4.73
N VAL A 168 4.69 -8.60 -4.42
CA VAL A 168 5.18 -7.68 -5.43
C VAL A 168 6.68 -7.46 -5.22
N SER A 169 7.43 -7.57 -6.31
CA SER A 169 8.84 -7.22 -6.31
C SER A 169 9.03 -6.10 -7.33
N ILE A 170 9.95 -5.19 -7.01
CA ILE A 170 10.23 -4.07 -7.90
C ILE A 170 11.73 -4.03 -8.15
N LEU A 171 12.09 -4.10 -9.41
CA LEU A 171 13.47 -4.20 -9.86
C LEU A 171 13.70 -3.04 -10.82
N LYS A 172 14.92 -2.51 -10.79
CA LYS A 172 15.39 -1.59 -11.82
C LYS A 172 16.45 -2.27 -12.68
N VAL A 173 16.50 -1.79 -13.92
CA VAL A 173 17.48 -2.22 -14.88
C VAL A 173 18.11 -0.95 -15.45
N THR A 174 19.39 -0.71 -15.12
CA THR A 174 20.02 0.50 -15.62
C THR A 174 20.59 0.30 -17.02
N GLU A 175 20.98 -0.93 -17.35
CA GLU A 175 21.56 -1.27 -18.65
C GLU A 175 21.52 -2.78 -18.75
N PRO A 176 21.92 -3.39 -19.89
CA PRO A 176 21.86 -4.85 -20.01
C PRO A 176 22.76 -5.43 -18.92
N ASN A 177 22.22 -6.36 -18.12
CA ASN A 177 22.96 -7.10 -17.09
C ASN A 177 23.18 -6.32 -15.81
N ASN A 178 22.77 -5.05 -15.74
CA ASN A 178 22.85 -4.32 -14.49
C ASN A 178 21.45 -4.08 -13.94
N PHE A 179 21.07 -4.87 -12.93
CA PHE A 179 19.75 -4.76 -12.32
C PHE A 179 19.88 -4.98 -10.81
N SER A 180 18.83 -4.62 -10.07
CA SER A 180 18.73 -4.94 -8.65
C SER A 180 17.27 -4.85 -8.24
N ARG A 181 16.95 -5.52 -7.13
CA ARG A 181 15.63 -5.43 -6.54
C ARG A 181 15.65 -4.22 -5.64
N VAL A 182 14.82 -3.25 -5.90
CA VAL A 182 14.96 -2.06 -5.08
C VAL A 182 13.90 -2.10 -3.98
N GLY A 183 13.02 -3.09 -3.99
CA GLY A 183 11.96 -3.11 -3.00
C GLY A 183 10.87 -4.09 -3.44
N GLY A 184 9.76 -4.12 -2.67
CA GLY A 184 8.64 -5.00 -2.91
C GLY A 184 7.53 -4.73 -1.89
N SER A 185 6.43 -5.46 -1.97
CA SER A 185 5.36 -5.17 -1.05
C SER A 185 4.56 -6.45 -0.90
N SER A 186 4.04 -6.63 0.33
CA SER A 186 3.31 -7.82 0.69
C SER A 186 1.85 -7.67 0.26
N LEU A 187 1.48 -6.50 -0.29
CA LEU A 187 0.13 -6.25 -0.78
C LEU A 187 0.08 -6.47 -2.29
N GLY A 188 -0.19 -7.72 -2.71
CA GLY A 188 -0.13 -8.09 -4.12
C GLY A 188 -1.40 -8.84 -4.53
N GLY A 189 -1.31 -9.61 -5.61
CA GLY A 189 -2.41 -10.46 -6.03
C GLY A 189 -2.93 -11.34 -4.89
N GLY A 190 -2.01 -11.84 -4.06
CA GLY A 190 -2.41 -12.71 -2.97
C GLY A 190 -3.27 -12.00 -1.94
N THR A 191 -3.03 -10.71 -1.76
CA THR A 191 -3.87 -9.99 -0.81
C THR A 191 -5.27 -9.87 -1.38
N LEU A 192 -5.35 -9.50 -2.68
CA LEU A 192 -6.60 -9.23 -3.37
C LEU A 192 -7.47 -10.50 -3.39
N TRP A 193 -6.86 -11.62 -3.81
CA TRP A 193 -7.55 -12.88 -4.04
C TRP A 193 -8.07 -13.37 -2.69
N GLY A 194 -7.20 -13.29 -1.69
CA GLY A 194 -7.46 -13.74 -0.33
C GLY A 194 -8.60 -12.98 0.33
N LEU A 195 -8.51 -11.66 0.34
CA LEU A 195 -9.51 -10.85 1.01
C LEU A 195 -10.87 -11.04 0.36
N LEU A 196 -10.92 -11.01 -0.97
CA LEU A 196 -12.18 -11.03 -1.67
C LEU A 196 -12.80 -12.44 -1.64
N SER A 197 -11.94 -13.44 -1.66
CA SER A 197 -12.37 -14.82 -1.52
C SER A 197 -13.07 -15.04 -0.18
N LEU A 198 -12.36 -14.76 0.92
CA LEU A 198 -12.93 -14.82 2.25
C LEU A 198 -14.17 -13.93 2.40
N ILE A 199 -14.17 -12.69 1.86
CA ILE A 199 -15.24 -11.75 2.18
C ILE A 199 -16.47 -12.05 1.33
N THR A 200 -16.30 -12.15 0.01
CA THR A 200 -17.43 -12.18 -0.90
C THR A 200 -17.74 -13.62 -1.29
N GLY A 201 -16.81 -14.53 -0.98
CA GLY A 201 -16.95 -15.93 -1.38
C GLY A 201 -16.89 -16.16 -2.88
N ALA A 202 -16.27 -15.27 -3.67
CA ALA A 202 -16.00 -15.59 -5.07
C ALA A 202 -15.13 -16.84 -5.18
N GLN A 203 -15.31 -17.61 -6.26
CA GLN A 203 -14.61 -18.89 -6.35
C GLN A 203 -13.45 -18.80 -7.36
N THR A 204 -13.57 -17.88 -8.35
CA THR A 204 -12.49 -17.62 -9.29
C THR A 204 -11.95 -16.20 -9.15
N TYR A 205 -10.67 -16.03 -9.54
CA TYR A 205 -10.09 -14.72 -9.79
C TYR A 205 -10.84 -14.00 -10.90
N ASP A 206 -11.28 -14.77 -11.91
CA ASP A 206 -12.06 -14.23 -13.02
C ASP A 206 -13.39 -13.66 -12.51
N GLN A 207 -14.02 -14.37 -11.57
CA GLN A 207 -15.34 -14.00 -11.12
C GLN A 207 -15.27 -12.73 -10.27
N MET A 208 -14.20 -12.60 -9.47
CA MET A 208 -14.04 -11.41 -8.66
C MET A 208 -13.73 -10.20 -9.55
N LEU A 209 -13.03 -10.46 -10.65
CA LEU A 209 -12.73 -9.42 -11.64
C LEU A 209 -14.00 -8.94 -12.32
N ASP A 210 -14.93 -9.86 -12.62
CA ASP A 210 -16.22 -9.50 -13.23
C ASP A 210 -17.09 -8.74 -12.23
N TRP A 211 -17.06 -9.18 -10.96
CA TRP A 211 -17.75 -8.53 -9.86
C TRP A 211 -17.24 -7.10 -9.64
N ALA A 212 -15.91 -6.95 -9.60
CA ALA A 212 -15.26 -5.64 -9.50
C ALA A 212 -15.77 -4.74 -10.63
N GLN A 213 -15.68 -5.27 -11.85
CA GLN A 213 -15.94 -4.55 -13.09
C GLN A 213 -17.32 -3.90 -13.06
N GLU A 214 -18.30 -4.56 -12.43
CA GLU A 214 -19.65 -4.03 -12.47
C GLU A 214 -20.02 -3.37 -11.15
N GLY A 215 -19.07 -3.27 -10.21
CA GLY A 215 -19.39 -2.77 -8.88
C GLY A 215 -19.21 -1.25 -8.76
N ASP A 216 -19.48 -0.74 -7.55
CA ASP A 216 -19.28 0.67 -7.23
C ASP A 216 -18.66 0.79 -5.84
N ASN A 217 -17.39 1.23 -5.82
CA ASN A 217 -16.58 1.30 -4.61
C ASN A 217 -17.07 2.41 -3.66
N SER A 218 -17.81 3.38 -4.21
CA SER A 218 -18.21 4.52 -3.39
C SER A 218 -19.18 4.09 -2.29
N SER A 219 -19.73 2.87 -2.40
CA SER A 219 -20.56 2.33 -1.33
C SER A 219 -19.72 2.01 -0.09
N VAL A 220 -18.45 1.60 -0.26
CA VAL A 220 -17.68 1.14 0.90
C VAL A 220 -16.53 2.10 1.20
N ASP A 221 -16.12 2.90 0.22
CA ASP A 221 -14.96 3.78 0.35
C ASP A 221 -15.38 5.21 0.71
N MET A 222 -14.58 5.89 1.54
CA MET A 222 -14.69 7.33 1.66
C MET A 222 -13.96 8.03 0.51
N LEU A 223 -14.70 8.85 -0.24
CA LEU A 223 -14.15 9.76 -1.24
C LEU A 223 -13.87 11.15 -0.63
N VAL A 224 -13.07 11.95 -1.34
CA VAL A 224 -12.74 13.28 -0.85
C VAL A 224 -14.05 14.06 -0.65
N GLY A 225 -14.95 13.86 -1.62
CA GLY A 225 -16.27 14.46 -1.67
C GLY A 225 -17.09 14.18 -0.42
N ASP A 226 -16.86 13.02 0.20
CA ASP A 226 -17.55 12.64 1.42
C ASP A 226 -17.03 13.47 2.57
N ILE A 227 -15.80 13.98 2.45
CA ILE A 227 -15.13 14.60 3.58
C ILE A 227 -15.22 16.12 3.47
N TYR A 228 -15.02 16.63 2.26
CA TYR A 228 -14.93 18.04 1.97
C TYR A 228 -16.22 18.59 1.37
N GLY A 229 -17.07 17.72 0.79
CA GLY A 229 -18.29 18.11 0.09
C GLY A 229 -17.98 18.66 -1.29
N THR A 230 -16.72 18.49 -1.74
CA THR A 230 -16.26 19.14 -2.95
C THR A 230 -14.83 18.70 -3.27
N ASP A 231 -14.23 19.30 -4.31
CA ASP A 231 -12.87 18.98 -4.72
C ASP A 231 -11.88 19.56 -3.71
N TYR A 232 -10.63 19.12 -3.80
CA TYR A 232 -9.57 19.62 -2.97
C TYR A 232 -8.34 19.86 -3.85
N ASN A 233 -8.42 20.90 -4.70
CA ASN A 233 -7.47 21.12 -5.79
C ASN A 233 -6.11 21.55 -5.26
N LYS A 234 -6.08 22.13 -4.06
CA LYS A 234 -4.83 22.58 -3.47
C LYS A 234 -3.91 21.38 -3.25
N ILE A 235 -4.45 20.18 -3.02
CA ILE A 235 -3.66 18.98 -2.85
C ILE A 235 -3.77 18.10 -4.08
N GLY A 236 -4.53 18.58 -5.08
CA GLY A 236 -4.58 17.98 -6.41
C GLY A 236 -5.52 16.77 -6.53
N LEU A 237 -6.58 16.72 -5.71
CA LEU A 237 -7.50 15.60 -5.74
C LEU A 237 -8.93 16.09 -5.98
N LYS A 238 -9.70 15.31 -6.74
CA LYS A 238 -11.09 15.61 -7.06
C LYS A 238 -11.95 14.89 -6.03
N SER A 239 -13.25 15.28 -6.04
CA SER A 239 -14.29 14.73 -5.21
CA SER A 239 -14.29 14.73 -5.20
C SER A 239 -14.33 13.20 -5.28
N SER A 240 -14.09 12.66 -6.48
CA SER A 240 -14.19 11.23 -6.76
C SER A 240 -12.98 10.42 -6.26
N ALA A 241 -11.86 11.11 -5.99
CA ALA A 241 -10.69 10.44 -5.46
C ALA A 241 -10.98 9.72 -4.14
N ILE A 242 -10.31 8.58 -3.95
CA ILE A 242 -10.46 7.72 -2.80
C ILE A 242 -9.56 8.20 -1.66
N ALA A 243 -10.17 8.59 -0.54
CA ALA A 243 -9.41 8.97 0.64
C ALA A 243 -9.16 7.76 1.52
N SER A 244 -10.17 6.88 1.64
CA SER A 244 -10.06 5.77 2.56
C SER A 244 -10.78 4.55 2.01
N SER A 245 -9.99 3.56 1.56
CA SER A 245 -10.51 2.33 1.01
C SER A 245 -11.23 1.58 2.13
N PHE A 246 -12.49 1.19 1.90
CA PHE A 246 -13.28 0.51 2.93
C PHE A 246 -13.54 1.43 4.12
N GLY A 247 -13.36 2.75 3.93
CA GLY A 247 -13.48 3.75 4.97
C GLY A 247 -14.89 3.87 5.55
N LYS A 248 -15.92 3.54 4.76
CA LYS A 248 -17.31 3.63 5.19
C LYS A 248 -17.75 2.45 6.06
N VAL A 249 -17.00 1.34 6.11
CA VAL A 249 -17.60 0.13 6.68
C VAL A 249 -17.47 0.02 8.21
N PHE A 250 -16.35 0.47 8.82
CA PHE A 250 -16.33 0.50 10.28
C PHE A 250 -17.28 1.60 10.76
N GLN A 251 -17.37 2.63 9.91
CA GLN A 251 -18.20 3.82 10.05
C GLN A 251 -19.64 3.49 9.66
N ASN A 252 -19.99 2.19 9.70
CA ASN A 252 -21.35 1.71 9.66
C ASN A 252 -21.61 0.89 10.92
N ILE A 274 -18.43 -19.83 5.87
CA ILE A 274 -19.73 -19.38 6.44
C ILE A 274 -19.48 -18.55 7.70
N GLU A 275 -19.80 -17.24 7.64
CA GLU A 275 -19.62 -16.31 8.75
C GLU A 275 -19.99 -14.90 8.27
N LYS A 276 -19.29 -14.45 7.21
CA LYS A 276 -19.39 -13.06 6.77
C LYS A 276 -20.75 -12.80 6.13
N ASN A 277 -21.39 -13.88 5.65
CA ASN A 277 -22.68 -13.75 4.99
C ASN A 277 -23.69 -13.14 5.95
N ASN A 278 -23.55 -13.46 7.25
CA ASN A 278 -24.35 -12.91 8.33
C ASN A 278 -23.74 -11.60 8.86
N GLY A 279 -22.47 -11.34 8.43
CA GLY A 279 -21.81 -10.06 8.67
C GLY A 279 -22.20 -9.00 7.63
N GLN A 280 -22.41 -9.43 6.36
CA GLN A 280 -22.52 -8.54 5.21
C GLN A 280 -23.82 -7.72 5.22
N MET A 281 -23.62 -6.40 5.15
CA MET A 281 -24.63 -5.46 4.67
C MET A 281 -24.06 -4.71 3.47
N PHE A 282 -23.10 -5.33 2.74
CA PHE A 282 -22.39 -4.65 1.65
C PHE A 282 -22.40 -5.47 0.37
N LYS A 283 -22.53 -4.76 -0.76
CA LYS A 283 -22.54 -5.37 -2.08
C LYS A 283 -21.18 -5.98 -2.40
N ASN A 284 -21.20 -7.24 -2.86
CA ASN A 284 -19.97 -7.96 -3.17
C ASN A 284 -19.23 -7.29 -4.32
N PRO A 285 -19.93 -6.89 -5.40
CA PRO A 285 -19.28 -6.21 -6.52
C PRO A 285 -18.63 -4.90 -6.10
N ASP A 286 -19.25 -4.21 -5.15
CA ASP A 286 -18.74 -2.95 -4.59
C ASP A 286 -17.45 -3.27 -3.84
N ILE A 287 -17.50 -4.32 -3.00
CA ILE A 287 -16.33 -4.73 -2.26
C ILE A 287 -15.20 -5.05 -3.23
N CYS A 288 -15.51 -5.72 -4.34
CA CYS A 288 -14.50 -6.23 -5.25
C CYS A 288 -13.84 -5.05 -5.95
N LYS A 289 -14.67 -4.08 -6.36
CA LYS A 289 -14.18 -2.84 -6.96
C LYS A 289 -13.23 -2.12 -6.00
N SER A 290 -13.65 -1.98 -4.74
CA SER A 290 -12.92 -1.19 -3.76
C SER A 290 -11.52 -1.80 -3.60
N LEU A 291 -11.49 -3.12 -3.44
CA LEU A 291 -10.23 -3.75 -3.07
C LEU A 291 -9.30 -3.83 -4.29
N LEU A 292 -9.87 -3.85 -5.49
CA LEU A 292 -9.12 -3.88 -6.74
C LEU A 292 -8.48 -2.50 -6.95
N PHE A 293 -9.25 -1.45 -6.62
CA PHE A 293 -8.72 -0.10 -6.66
C PHE A 293 -7.64 0.04 -5.56
N ALA A 294 -7.98 -0.41 -4.35
CA ALA A 294 -7.07 -0.26 -3.22
C ALA A 294 -5.69 -0.85 -3.54
N ILE A 295 -5.68 -2.09 -4.04
CA ILE A 295 -4.41 -2.78 -4.21
C ILE A 295 -3.69 -2.21 -5.41
N SER A 296 -4.43 -1.97 -6.50
CA SER A 296 -3.83 -1.48 -7.73
C SER A 296 -3.23 -0.10 -7.54
N ASN A 297 -3.98 0.72 -6.80
CA ASN A 297 -3.57 2.10 -6.61
C ASN A 297 -2.30 2.11 -5.75
N ASN A 298 -2.26 1.20 -4.77
CA ASN A 298 -1.13 1.10 -3.89
C ASN A 298 0.10 0.69 -4.70
N ILE A 299 -0.05 -0.35 -5.54
CA ILE A 299 1.04 -0.82 -6.40
C ILE A 299 1.49 0.31 -7.32
N GLY A 300 0.49 0.98 -7.91
CA GLY A 300 0.76 2.14 -8.74
C GLY A 300 1.65 3.15 -8.02
N GLN A 301 1.27 3.54 -6.79
CA GLN A 301 2.01 4.54 -6.04
C GLN A 301 3.44 4.06 -5.75
N ILE A 302 3.59 2.82 -5.30
CA ILE A 302 4.93 2.38 -4.97
C ILE A 302 5.80 2.31 -6.23
N ALA A 303 5.23 1.82 -7.34
CA ALA A 303 5.92 1.82 -8.62
C ALA A 303 6.39 3.23 -8.92
N TYR A 304 5.47 4.19 -8.78
CA TYR A 304 5.78 5.57 -9.11
C TYR A 304 6.97 6.08 -8.27
N LEU A 305 6.87 5.89 -6.95
CA LEU A 305 7.90 6.34 -6.02
C LEU A 305 9.25 5.69 -6.36
N GLN A 306 9.23 4.40 -6.70
CA GLN A 306 10.48 3.72 -7.04
C GLN A 306 11.04 4.28 -8.35
N ALA A 307 10.17 4.61 -9.30
CA ALA A 307 10.60 5.16 -10.57
C ALA A 307 11.20 6.54 -10.34
N LYS A 308 10.57 7.28 -9.42
CA LYS A 308 10.95 8.64 -9.12
C LYS A 308 12.39 8.64 -8.63
N ILE A 309 12.66 7.84 -7.59
CA ILE A 309 13.96 7.79 -6.92
C ILE A 309 15.05 7.48 -7.94
N ASN A 310 14.70 6.65 -8.95
CA ASN A 310 15.67 5.99 -9.81
C ASN A 310 15.65 6.61 -11.20
N ASN A 311 14.93 7.75 -11.34
CA ASN A 311 14.90 8.52 -12.58
C ASN A 311 14.55 7.62 -13.77
N ILE A 312 13.48 6.83 -13.60
CA ILE A 312 13.00 5.90 -14.63
C ILE A 312 11.72 6.48 -15.25
N GLN A 313 11.58 6.33 -16.58
CA GLN A 313 10.38 6.79 -17.26
C GLN A 313 9.43 5.60 -17.46
N ASN A 314 9.98 4.43 -17.79
CA ASN A 314 9.17 3.31 -18.25
C ASN A 314 9.02 2.25 -17.16
N ILE A 315 7.75 1.89 -16.88
CA ILE A 315 7.44 0.98 -15.81
C ILE A 315 6.76 -0.25 -16.42
N TYR A 316 7.44 -1.40 -16.38
CA TYR A 316 6.83 -2.61 -16.89
C TYR A 316 6.16 -3.39 -15.77
N PHE A 317 4.92 -3.77 -16.04
CA PHE A 317 4.19 -4.64 -15.14
C PHE A 317 4.30 -6.10 -15.56
N GLY A 318 4.81 -6.96 -14.66
CA GLY A 318 4.81 -8.38 -14.89
C GLY A 318 3.96 -9.09 -13.83
N GLY A 319 3.89 -10.41 -13.99
CA GLY A 319 3.35 -11.30 -12.97
C GLY A 319 2.04 -11.91 -13.44
N SER A 320 1.19 -12.33 -12.48
CA SER A 320 -0.04 -13.02 -12.77
C SER A 320 -1.29 -12.16 -12.54
N TYR A 321 -1.13 -10.81 -12.45
CA TYR A 321 -2.12 -9.95 -11.79
C TYR A 321 -3.03 -9.23 -12.76
N THR A 322 -2.48 -8.75 -13.88
CA THR A 322 -3.27 -7.99 -14.83
C THR A 322 -4.14 -8.93 -15.66
N ARG A 323 -3.52 -9.94 -16.28
CA ARG A 323 -4.16 -10.97 -17.10
C ARG A 323 -5.03 -10.36 -18.19
N GLY A 324 -4.52 -9.32 -18.89
CA GLY A 324 -5.24 -8.60 -19.92
C GLY A 324 -6.58 -7.98 -19.46
N HIS A 325 -6.83 -7.89 -18.14
CA HIS A 325 -8.03 -7.27 -17.59
C HIS A 325 -7.96 -5.76 -17.72
N LEU A 326 -8.83 -5.26 -18.60
CA LEU A 326 -8.85 -3.87 -19.04
C LEU A 326 -8.93 -2.92 -17.84
N THR A 327 -9.84 -3.19 -16.90
CA THR A 327 -9.99 -2.30 -15.76
C THR A 327 -8.69 -2.22 -14.99
N THR A 328 -8.11 -3.39 -14.70
CA THR A 328 -6.87 -3.46 -13.94
C THR A 328 -5.78 -2.66 -14.65
N MET A 329 -5.64 -2.84 -15.95
CA MET A 329 -4.55 -2.18 -16.63
C MET A 329 -4.77 -0.67 -16.60
N ASN A 330 -6.04 -0.25 -16.75
CA ASN A 330 -6.41 1.15 -16.73
C ASN A 330 -6.05 1.79 -15.38
N THR A 331 -6.38 1.10 -14.30
CA THR A 331 -6.16 1.63 -12.96
C THR A 331 -4.66 1.84 -12.75
N LEU A 332 -3.86 0.86 -13.19
CA LEU A 332 -2.41 0.89 -13.04
C LEU A 332 -1.88 2.04 -13.91
N SER A 333 -2.32 2.12 -15.17
CA SER A 333 -1.79 3.14 -16.06
C SER A 333 -2.14 4.53 -15.55
N TYR A 334 -3.39 4.68 -15.08
CA TYR A 334 -3.84 5.96 -14.55
C TYR A 334 -3.03 6.32 -13.30
N ALA A 335 -2.76 5.33 -12.44
CA ALA A 335 -2.04 5.64 -11.23
C ALA A 335 -0.66 6.20 -11.59
N ILE A 336 0.03 5.59 -12.55
CA ILE A 336 1.35 6.03 -12.97
C ILE A 336 1.26 7.42 -13.57
N ASN A 337 0.29 7.60 -14.46
CA ASN A 337 0.11 8.85 -15.18
C ASN A 337 -0.25 9.94 -14.17
N PHE A 338 -1.15 9.60 -13.28
CA PHE A 338 -1.64 10.59 -12.33
C PHE A 338 -0.49 11.10 -11.48
N TRP A 339 0.24 10.16 -10.84
CA TRP A 339 1.35 10.50 -9.96
C TRP A 339 2.48 11.20 -10.71
N SER A 340 2.72 10.86 -12.00
CA SER A 340 3.90 11.41 -12.66
C SER A 340 3.53 12.66 -13.43
N GLN A 341 2.23 12.96 -13.44
CA GLN A 341 1.64 13.99 -14.29
C GLN A 341 2.09 13.82 -15.73
N GLY A 342 1.88 12.61 -16.27
CA GLY A 342 2.19 12.32 -17.65
C GLY A 342 3.65 11.96 -17.89
N SER A 343 4.55 12.20 -16.91
CA SER A 343 5.98 12.09 -17.21
C SER A 343 6.49 10.63 -17.22
N LYS A 344 5.68 9.69 -16.70
CA LYS A 344 6.03 8.27 -16.61
C LYS A 344 4.87 7.45 -17.15
N GLN A 345 5.15 6.20 -17.55
CA GLN A 345 4.24 5.43 -18.37
C GLN A 345 4.24 3.96 -17.94
N ALA A 346 3.03 3.39 -17.72
CA ALA A 346 2.83 1.95 -17.51
C ALA A 346 2.94 1.14 -18.80
N PHE A 347 3.52 -0.07 -18.71
CA PHE A 347 3.56 -1.02 -19.82
C PHE A 347 3.18 -2.42 -19.35
N PHE A 348 2.46 -3.15 -20.22
CA PHE A 348 2.08 -4.51 -19.91
C PHE A 348 2.69 -5.45 -20.96
N LEU A 349 2.63 -6.76 -20.67
CA LEU A 349 3.30 -7.74 -21.48
C LEU A 349 2.33 -8.90 -21.70
N LYS A 350 2.26 -9.40 -22.94
CA LYS A 350 1.39 -10.51 -23.27
C LYS A 350 1.72 -11.74 -22.45
N HIS A 351 3.04 -11.95 -22.22
CA HIS A 351 3.52 -13.12 -21.51
C HIS A 351 4.02 -12.69 -20.14
N GLU A 352 3.18 -11.95 -19.45
CA GLU A 352 3.59 -11.19 -18.28
C GLU A 352 4.00 -12.15 -17.17
N GLY A 353 3.35 -13.33 -17.11
CA GLY A 353 3.56 -14.28 -16.04
C GLY A 353 4.77 -15.19 -16.23
N TYR A 354 5.52 -14.99 -17.31
CA TYR A 354 6.54 -15.95 -17.73
C TYR A 354 7.91 -15.29 -17.82
N LEU A 355 8.12 -14.16 -17.12
CA LEU A 355 9.39 -13.45 -17.20
C LEU A 355 10.53 -14.33 -16.66
N GLY A 356 10.32 -14.92 -15.47
CA GLY A 356 11.29 -15.76 -14.80
C GLY A 356 11.66 -16.99 -15.63
N ALA A 357 10.65 -17.79 -15.96
CA ALA A 357 10.84 -19.02 -16.72
C ALA A 357 11.53 -18.64 -18.04
N MET A 358 11.15 -17.52 -18.64
CA MET A 358 11.73 -17.12 -19.92
C MET A 358 13.23 -16.84 -19.76
N GLY A 359 13.58 -16.07 -18.71
CA GLY A 359 14.98 -15.78 -18.44
C GLY A 359 15.80 -17.05 -18.20
N ALA A 360 15.26 -17.95 -17.38
CA ALA A 360 15.88 -19.23 -17.13
C ALA A 360 16.13 -19.94 -18.46
N PHE A 361 15.08 -20.04 -19.30
CA PHE A 361 15.21 -20.65 -20.61
C PHE A 361 16.42 -20.08 -21.36
N LEU A 362 16.52 -18.75 -21.41
CA LEU A 362 17.54 -18.07 -22.19
C LEU A 362 18.95 -18.33 -21.65
N SER A 363 19.08 -18.60 -20.35
CA SER A 363 20.37 -18.87 -19.75
C SER A 363 20.94 -20.18 -20.28
N ALA A 364 20.08 -21.15 -20.58
CA ALA A 364 20.52 -22.48 -20.99
C ALA A 364 21.01 -22.47 -22.45
N SER A 365 20.82 -21.34 -23.16
CA SER A 365 21.37 -21.07 -24.49
C SER A 365 22.07 -22.29 -25.11
N GLN B 14 -6.64 15.73 28.12
CA GLN B 14 -5.15 15.61 28.13
C GLN B 14 -4.54 16.99 27.87
N GLU B 15 -4.67 17.88 28.86
CA GLU B 15 -4.39 19.30 28.77
C GLU B 15 -2.88 19.54 28.69
N ILE B 16 -2.51 20.46 27.81
CA ILE B 16 -1.19 21.03 27.80
C ILE B 16 -1.28 22.38 28.49
N SER B 17 -0.32 22.63 29.35
CA SER B 17 -0.24 23.90 30.02
C SER B 17 0.70 24.80 29.21
N TYR B 18 0.20 25.96 28.77
CA TYR B 18 0.94 26.84 27.87
C TYR B 18 0.64 28.32 28.13
N ASN B 19 1.68 29.13 27.96
CA ASN B 19 1.60 30.58 28.09
C ASN B 19 1.11 31.20 26.77
N CYS B 20 -0.21 31.24 26.59
CA CYS B 20 -0.82 31.76 25.37
C CYS B 20 -0.87 33.29 25.43
N ASP B 21 -0.94 33.91 24.24
CA ASP B 21 -1.21 35.32 24.12
C ASP B 21 -2.72 35.55 24.12
N TYR B 22 -3.24 36.19 25.19
CA TYR B 22 -4.62 36.63 25.27
C TYR B 22 -4.72 38.11 24.91
N GLY B 23 -3.86 38.54 23.97
CA GLY B 23 -3.78 39.89 23.43
C GLY B 23 -5.08 40.39 22.82
N ASP B 24 -5.80 39.51 22.11
CA ASP B 24 -7.03 39.83 21.41
C ASP B 24 -8.23 39.81 22.37
N ASN B 25 -8.04 39.26 23.58
CA ASN B 25 -9.11 39.07 24.59
C ASN B 25 -10.26 38.18 24.06
N THR B 26 -9.96 37.35 23.04
CA THR B 26 -10.94 36.59 22.28
C THR B 26 -10.88 35.13 22.72
N PHE B 27 -12.02 34.46 22.79
CA PHE B 27 -11.99 33.04 23.07
C PHE B 27 -11.87 32.26 21.75
N ASN B 28 -10.70 31.72 21.45
CA ASN B 28 -10.46 31.08 20.15
C ASN B 28 -10.74 29.59 20.21
N LEU B 29 -11.79 29.17 19.50
CA LEU B 29 -12.30 27.80 19.50
C LEU B 29 -11.96 27.14 18.16
N ALA B 30 -10.90 26.32 18.11
CA ALA B 30 -10.41 25.77 16.85
C ALA B 30 -11.04 24.39 16.62
N ILE B 31 -11.57 24.19 15.42
CA ILE B 31 -12.20 22.92 15.14
C ILE B 31 -11.63 22.36 13.83
N ASP B 32 -11.49 21.03 13.80
CA ASP B 32 -11.04 20.31 12.63
C ASP B 32 -11.96 19.12 12.47
N ILE B 33 -12.91 19.25 11.54
CA ILE B 33 -13.90 18.21 11.30
C ILE B 33 -13.36 17.35 10.17
N GLY B 34 -12.87 16.14 10.51
CA GLY B 34 -12.33 15.24 9.52
C GLY B 34 -13.44 14.32 9.03
N GLY B 35 -13.09 13.35 8.19
CA GLY B 35 -14.06 12.42 7.64
C GLY B 35 -14.78 11.61 8.73
N THR B 36 -14.08 11.23 9.82
CA THR B 36 -14.63 10.40 10.88
CA THR B 36 -14.78 10.49 10.86
C THR B 36 -14.56 11.10 12.23
N LEU B 37 -13.51 11.92 12.41
CA LEU B 37 -13.22 12.51 13.70
C LEU B 37 -13.26 14.03 13.60
N ALA B 38 -13.97 14.63 14.56
CA ALA B 38 -14.10 16.06 14.71
C ALA B 38 -13.36 16.43 15.98
N LYS B 39 -12.41 17.36 15.85
CA LYS B 39 -11.48 17.70 16.91
C LYS B 39 -11.64 19.16 17.29
N VAL B 40 -11.40 19.48 18.58
CA VAL B 40 -11.53 20.83 19.08
C VAL B 40 -10.40 21.11 20.05
N VAL B 41 -9.80 22.30 19.87
CA VAL B 41 -8.75 22.85 20.71
CA VAL B 41 -8.78 22.83 20.76
C VAL B 41 -9.15 24.28 21.08
N PHE B 42 -9.06 24.61 22.37
CA PHE B 42 -9.36 25.95 22.87
C PHE B 42 -8.58 26.23 24.13
N SER B 43 -8.58 27.48 24.55
CA SER B 43 -7.99 27.89 25.81
C SER B 43 -8.96 28.88 26.46
N PRO B 44 -9.49 28.59 27.68
CA PRO B 44 -10.24 29.62 28.42
C PRO B 44 -9.32 30.81 28.63
N ILE B 45 -9.87 32.02 28.49
CA ILE B 45 -9.04 33.22 28.50
C ILE B 45 -8.38 33.34 29.87
N HIS B 46 -7.04 33.54 29.85
CA HIS B 46 -6.21 33.70 31.03
C HIS B 46 -5.87 32.38 31.73
N SER B 47 -6.32 31.23 31.20
CA SER B 47 -6.06 29.97 31.86
C SER B 47 -4.61 29.49 31.62
N ASN B 48 -4.04 29.88 30.47
CA ASN B 48 -2.82 29.27 29.97
C ASN B 48 -2.96 27.74 29.92
N ARG B 49 -4.16 27.24 29.61
CA ARG B 49 -4.42 25.82 29.41
C ARG B 49 -4.83 25.59 27.95
N LEU B 50 -4.33 24.52 27.32
CA LEU B 50 -4.87 24.05 26.04
C LEU B 50 -5.72 22.81 26.31
N MET B 51 -6.94 22.74 25.77
CA MET B 51 -7.85 21.62 26.01
C MET B 51 -8.33 21.00 24.70
N PHE B 52 -8.56 19.68 24.70
CA PHE B 52 -8.65 18.85 23.51
C PHE B 52 -9.81 17.88 23.64
N TYR B 53 -10.74 17.90 22.69
CA TYR B 53 -11.73 16.84 22.70
C TYR B 53 -11.96 16.38 21.28
N THR B 54 -12.42 15.14 21.15
CA THR B 54 -12.68 14.53 19.85
C THR B 54 -14.06 13.90 19.95
N ILE B 55 -14.89 14.09 18.90
CA ILE B 55 -16.21 13.49 18.75
C ILE B 55 -16.28 12.97 17.32
N GLU B 56 -17.03 11.89 17.11
CA GLU B 56 -17.24 11.37 15.78
C GLU B 56 -17.97 12.39 14.90
N THR B 57 -17.53 12.52 13.64
CA THR B 57 -18.22 13.26 12.60
C THR B 57 -19.65 12.75 12.39
N GLU B 58 -19.86 11.44 12.54
CA GLU B 58 -21.19 10.87 12.37
C GLU B 58 -22.16 11.56 13.31
N LYS B 59 -21.67 11.97 14.48
CA LYS B 59 -22.50 12.59 15.51
C LYS B 59 -22.28 14.11 15.49
N ILE B 60 -22.44 14.73 14.31
CA ILE B 60 -22.01 16.11 14.13
C ILE B 60 -22.82 17.01 15.07
N ASP B 61 -24.06 16.60 15.32
CA ASP B 61 -25.01 17.34 16.15
C ASP B 61 -24.49 17.41 17.58
N LYS B 62 -23.93 16.28 18.05
CA LYS B 62 -23.33 16.25 19.37
C LYS B 62 -22.08 17.12 19.41
N PHE B 63 -21.33 17.19 18.29
CA PHE B 63 -20.12 18.01 18.23
C PHE B 63 -20.50 19.50 18.37
N MET B 64 -21.56 19.88 17.65
CA MET B 64 -22.20 21.20 17.72
C MET B 64 -22.65 21.51 19.17
N GLU B 65 -23.33 20.54 19.82
CA GLU B 65 -23.78 20.67 21.21
C GLU B 65 -22.57 20.85 22.13
N LEU B 66 -21.47 20.20 21.77
CA LEU B 66 -20.27 20.31 22.59
C LEU B 66 -19.65 21.71 22.48
N LEU B 67 -19.67 22.28 21.26
CA LEU B 67 -19.10 23.61 21.06
C LEU B 67 -19.88 24.64 21.90
N HIS B 68 -21.22 24.54 21.90
CA HIS B 68 -22.07 25.37 22.74
C HIS B 68 -21.67 25.17 24.21
N SER B 69 -21.56 23.90 24.62
CA SER B 69 -21.17 23.56 25.97
C SER B 69 -19.86 24.24 26.33
N ILE B 70 -18.89 24.15 25.42
CA ILE B 70 -17.57 24.69 25.75
C ILE B 70 -17.71 26.19 26.01
N ILE B 71 -18.52 26.87 25.18
CA ILE B 71 -18.59 28.32 25.26
C ILE B 71 -19.22 28.72 26.59
N LYS B 72 -20.32 28.02 26.93
CA LYS B 72 -21.05 28.17 28.19
C LYS B 72 -20.14 27.90 29.39
N GLU B 73 -19.40 26.79 29.38
CA GLU B 73 -18.58 26.38 30.50
C GLU B 73 -17.28 27.17 30.60
N HIS B 74 -16.61 27.49 29.49
CA HIS B 74 -15.24 27.99 29.60
C HIS B 74 -15.07 29.40 29.06
N ASN B 75 -16.14 29.96 28.51
CA ASN B 75 -16.10 31.37 28.09
C ASN B 75 -17.30 32.14 28.62
N ASN B 76 -18.07 31.50 29.50
CA ASN B 76 -18.97 32.25 30.37
C ASN B 76 -20.24 32.57 29.59
N GLY B 77 -20.63 31.70 28.64
CA GLY B 77 -21.79 31.91 27.77
C GLY B 77 -21.67 33.08 26.79
N CYS B 78 -20.45 33.59 26.54
CA CYS B 78 -20.21 34.76 25.70
C CYS B 78 -19.84 34.39 24.26
N TYR B 79 -20.85 34.36 23.39
CA TYR B 79 -20.72 34.09 21.97
C TYR B 79 -19.97 35.23 21.25
N ARG B 80 -20.17 36.43 21.77
CA ARG B 80 -19.77 37.66 21.14
C ARG B 80 -18.26 37.67 21.04
N MET B 81 -17.60 37.10 22.06
CA MET B 81 -16.14 37.11 22.07
C MET B 81 -15.55 35.76 21.61
N THR B 82 -16.38 34.88 21.04
CA THR B 82 -15.91 33.59 20.53
C THR B 82 -15.61 33.69 19.02
N HIS B 83 -14.38 33.27 18.66
CA HIS B 83 -13.89 33.17 17.31
C HIS B 83 -13.66 31.70 16.94
N ILE B 84 -14.45 31.14 16.02
CA ILE B 84 -14.21 29.80 15.50
C ILE B 84 -13.28 29.89 14.30
N ILE B 85 -12.23 29.06 14.35
CA ILE B 85 -11.33 28.76 13.25
C ILE B 85 -11.54 27.28 12.93
N ALA B 86 -12.08 27.01 11.74
CA ALA B 86 -12.43 25.68 11.28
C ALA B 86 -11.48 25.21 10.17
N THR B 87 -11.05 23.96 10.30
CA THR B 87 -10.23 23.32 9.31
C THR B 87 -10.77 21.89 9.13
N GLY B 88 -10.14 21.13 8.21
CA GLY B 88 -10.70 19.85 7.82
C GLY B 88 -11.79 20.03 6.76
N GLY B 89 -12.27 18.94 6.17
CA GLY B 89 -13.25 19.10 5.11
C GLY B 89 -14.59 19.57 5.63
N GLY B 90 -14.82 19.35 6.94
CA GLY B 90 -16.03 19.75 7.65
C GLY B 90 -16.25 21.26 7.65
N ALA B 91 -15.14 22.01 7.56
CA ALA B 91 -15.14 23.46 7.45
C ALA B 91 -15.86 23.89 6.18
N PHE B 92 -15.87 22.99 5.17
CA PHE B 92 -16.58 23.21 3.92
C PHE B 92 -17.94 22.54 3.99
N LYS B 93 -17.93 21.22 4.22
CA LYS B 93 -19.15 20.42 4.17
C LYS B 93 -20.18 20.87 5.21
N PHE B 94 -19.73 21.22 6.42
CA PHE B 94 -20.67 21.62 7.48
C PHE B 94 -20.60 23.13 7.77
N TYR B 95 -20.06 23.91 6.83
CA TYR B 95 -20.18 25.36 6.97
C TYR B 95 -21.62 25.74 7.34
N ASP B 96 -22.61 25.26 6.59
CA ASP B 96 -23.99 25.68 6.78
C ASP B 96 -24.46 25.41 8.21
N LEU B 97 -24.15 24.21 8.73
CA LEU B 97 -24.54 23.86 10.08
C LEU B 97 -23.84 24.76 11.10
N LEU B 98 -22.55 25.03 10.88
CA LEU B 98 -21.79 25.93 11.73
C LEU B 98 -22.44 27.30 11.73
N TYR B 99 -22.68 27.88 10.55
CA TYR B 99 -23.26 29.23 10.56
C TYR B 99 -24.63 29.22 11.26
N GLU B 100 -25.41 28.17 11.04
CA GLU B 100 -26.72 27.99 11.63
C GLU B 100 -26.60 27.92 13.15
N ASN B 101 -25.49 27.36 13.65
CA ASN B 101 -25.29 27.21 15.08
C ASN B 101 -24.76 28.48 15.72
N PHE B 102 -23.89 29.22 15.00
CA PHE B 102 -23.18 30.35 15.58
C PHE B 102 -23.34 31.56 14.68
N PRO B 103 -24.58 32.07 14.52
CA PRO B 103 -24.82 33.24 13.68
C PRO B 103 -24.27 34.52 14.29
N GLN B 104 -24.12 34.50 15.63
CA GLN B 104 -23.92 35.71 16.40
C GLN B 104 -22.56 35.70 17.10
N ILE B 105 -21.63 34.85 16.65
CA ILE B 105 -20.34 34.87 17.30
C ILE B 105 -19.45 35.93 16.65
N LYS B 106 -18.22 36.06 17.15
CA LYS B 106 -17.35 37.12 16.68
C LYS B 106 -16.87 36.88 15.24
N GLY B 107 -16.79 35.62 14.83
CA GLY B 107 -16.30 35.29 13.48
C GLY B 107 -16.20 33.79 13.33
N ILE B 108 -16.46 33.28 12.12
CA ILE B 108 -16.11 31.91 11.78
C ILE B 108 -15.08 31.96 10.66
N SER B 109 -13.83 31.69 11.03
CA SER B 109 -12.74 31.72 10.08
C SER B 109 -12.49 30.33 9.56
N ARG B 110 -11.88 30.25 8.36
CA ARG B 110 -11.43 28.97 7.87
C ARG B 110 -9.91 28.97 7.67
N PHE B 111 -9.29 27.84 8.03
CA PHE B 111 -7.87 27.62 7.92
C PHE B 111 -7.63 26.35 7.12
N GLU B 112 -6.75 26.44 6.10
CA GLU B 112 -6.53 25.34 5.17
C GLU B 112 -5.87 24.19 5.92
N GLU B 113 -6.24 22.94 5.56
CA GLU B 113 -6.00 21.78 6.41
C GLU B 113 -4.53 21.33 6.47
N MET B 114 -3.80 21.44 5.36
CA MET B 114 -2.41 20.98 5.34
C MET B 114 -1.56 21.97 6.13
N GLU B 115 -1.76 23.27 5.89
CA GLU B 115 -1.15 24.31 6.72
C GLU B 115 -1.47 24.09 8.21
N GLY B 116 -2.69 23.67 8.53
CA GLY B 116 -3.02 23.48 9.94
C GLY B 116 -2.24 22.32 10.54
N LEU B 117 -2.13 21.23 9.75
CA LEU B 117 -1.41 20.04 10.18
C LEU B 117 0.03 20.44 10.54
N ILE B 118 0.72 21.09 9.59
CA ILE B 118 2.11 21.47 9.70
C ILE B 118 2.28 22.50 10.82
N HIS B 119 1.43 23.52 10.86
CA HIS B 119 1.55 24.47 11.96
C HIS B 119 1.35 23.78 13.31
N GLY B 120 0.39 22.84 13.38
CA GLY B 120 0.17 22.10 14.61
C GLY B 120 1.42 21.31 15.02
N LEU B 121 1.95 20.55 14.06
CA LEU B 121 3.07 19.68 14.30
C LEU B 121 4.26 20.52 14.76
N ASP B 122 4.55 21.58 14.01
CA ASP B 122 5.77 22.35 14.20
C ASP B 122 5.76 23.02 15.57
N PHE B 123 4.57 23.41 16.03
CA PHE B 123 4.42 24.00 17.35
C PHE B 123 4.71 22.95 18.41
N PHE B 124 4.12 21.76 18.27
CA PHE B 124 4.35 20.72 19.24
C PHE B 124 5.84 20.36 19.31
N ILE B 125 6.53 20.26 18.16
CA ILE B 125 7.94 19.92 18.10
C ILE B 125 8.78 20.99 18.81
N HIS B 126 8.40 22.27 18.72
CA HIS B 126 9.29 23.34 19.15
C HIS B 126 9.00 23.83 20.57
N GLU B 127 7.79 23.57 21.10
CA GLU B 127 7.29 24.39 22.19
C GLU B 127 6.75 23.54 23.33
N ILE B 128 6.33 22.30 23.04
CA ILE B 128 5.72 21.51 24.09
C ILE B 128 6.68 20.40 24.53
N PRO B 129 7.19 20.43 25.79
CA PRO B 129 8.02 19.35 26.31
C PRO B 129 7.14 18.12 26.48
N ASP B 130 7.71 16.93 26.27
CA ASP B 130 7.06 15.67 26.60
C ASP B 130 5.96 15.33 25.59
N GLU B 131 6.15 15.74 24.35
CA GLU B 131 5.09 15.62 23.36
C GLU B 131 5.50 14.63 22.28
N VAL B 132 6.77 14.77 21.89
CA VAL B 132 7.36 13.97 20.85
C VAL B 132 8.11 12.83 21.54
N PHE B 133 7.73 11.59 21.23
CA PHE B 133 8.52 10.45 21.68
C PHE B 133 8.80 9.43 20.57
N THR B 134 9.85 8.63 20.76
CA THR B 134 10.10 7.43 19.98
C THR B 134 9.62 6.24 20.80
N TYR B 135 9.26 5.14 20.14
CA TYR B 135 8.94 3.90 20.83
C TYR B 135 9.23 2.68 19.95
N ASN B 136 9.84 1.65 20.54
CA ASN B 136 9.85 0.30 19.97
C ASN B 136 9.97 -0.68 21.13
N ASP B 137 9.83 -1.98 20.83
CA ASP B 137 9.78 -3.04 21.84
C ASP B 137 11.14 -3.22 22.53
N GLN B 138 12.24 -3.04 21.79
CA GLN B 138 13.58 -3.18 22.33
C GLN B 138 13.96 -2.03 23.30
N ASP B 139 13.68 -0.76 22.97
CA ASP B 139 14.22 0.38 23.70
C ASP B 139 13.20 1.06 24.62
N GLY B 140 11.92 0.69 24.48
CA GLY B 140 10.83 1.37 25.15
C GLY B 140 10.59 2.80 24.60
N GLU B 141 9.78 3.57 25.36
CA GLU B 141 9.41 4.95 25.06
C GLU B 141 10.54 5.89 25.44
N ARG B 142 10.96 6.78 24.53
CA ARG B 142 11.87 7.87 24.90
C ARG B 142 11.28 9.22 24.49
N ILE B 143 11.13 10.11 25.49
CA ILE B 143 10.72 11.48 25.27
C ILE B 143 11.90 12.24 24.69
N ILE B 144 11.66 13.01 23.62
CA ILE B 144 12.67 13.85 23.00
C ILE B 144 12.65 15.24 23.66
N PRO B 145 13.81 15.86 23.97
CA PRO B 145 13.84 17.20 24.58
C PRO B 145 13.88 18.39 23.59
N LYS B 154 16.69 23.12 11.64
CA LYS B 154 17.99 23.27 12.32
C LYS B 154 18.65 21.89 12.27
N ALA B 155 18.44 21.13 13.34
CA ALA B 155 18.48 19.67 13.32
C ALA B 155 17.04 19.16 13.14
N ILE B 156 16.10 20.06 12.82
CA ILE B 156 14.68 19.73 12.80
C ILE B 156 14.24 19.50 11.36
N TYR B 157 14.68 20.38 10.46
CA TYR B 157 14.26 20.39 9.07
C TYR B 157 15.32 19.70 8.22
N PRO B 158 14.97 18.98 7.11
CA PRO B 158 13.58 18.82 6.68
C PRO B 158 12.97 17.66 7.48
N TYR B 159 11.63 17.58 7.54
CA TYR B 159 11.01 16.45 8.21
C TYR B 159 9.73 16.04 7.48
N LEU B 160 9.27 14.82 7.78
CA LEU B 160 8.08 14.27 7.16
C LEU B 160 6.98 14.11 8.22
N LEU B 161 5.74 14.24 7.74
CA LEU B 161 4.55 13.97 8.53
CA LEU B 161 4.56 13.95 8.54
C LEU B 161 3.75 12.90 7.79
N VAL B 162 3.45 11.82 8.50
CA VAL B 162 2.57 10.80 7.99
C VAL B 162 1.32 10.90 8.88
N ASN B 163 0.24 11.43 8.30
CA ASN B 163 -0.98 11.65 9.04
C ASN B 163 -1.94 10.52 8.71
N ILE B 164 -2.20 9.67 9.71
CA ILE B 164 -3.03 8.51 9.48
C ILE B 164 -4.33 8.71 10.24
N GLY B 165 -5.45 8.82 9.51
CA GLY B 165 -6.76 8.63 10.10
C GLY B 165 -7.47 7.49 9.38
N SER B 166 -8.61 7.80 8.76
CA SER B 166 -9.26 6.93 7.79
C SER B 166 -8.31 6.56 6.64
N GLY B 167 -7.69 7.57 6.01
CA GLY B 167 -6.66 7.38 5.02
C GLY B 167 -5.34 8.00 5.46
N VAL B 168 -4.45 8.23 4.50
CA VAL B 168 -3.13 8.74 4.85
C VAL B 168 -2.78 9.89 3.92
N SER B 169 -2.33 10.97 4.55
CA SER B 169 -1.64 12.07 3.89
C SER B 169 -0.19 12.07 4.30
N ILE B 170 0.70 12.44 3.37
CA ILE B 170 2.12 12.60 3.67
C ILE B 170 2.56 14.00 3.29
N LEU B 171 3.26 14.67 4.22
CA LEU B 171 3.72 16.02 4.04
C LEU B 171 5.22 16.09 4.31
N LYS B 172 5.91 16.94 3.55
CA LYS B 172 7.30 17.30 3.78
C LYS B 172 7.33 18.73 4.30
N VAL B 173 8.21 19.01 5.26
CA VAL B 173 8.33 20.34 5.81
C VAL B 173 9.82 20.67 5.79
N THR B 174 10.22 21.65 4.99
CA THR B 174 11.64 21.89 4.80
C THR B 174 12.13 23.10 5.60
N GLU B 175 11.22 24.04 5.89
CA GLU B 175 11.52 25.23 6.69
C GLU B 175 10.24 25.60 7.41
N PRO B 176 10.27 26.47 8.44
CA PRO B 176 9.05 26.86 9.17
C PRO B 176 7.79 27.07 8.33
N ASN B 177 7.90 27.86 7.27
CA ASN B 177 6.65 28.09 6.56
C ASN B 177 6.79 27.64 5.12
N ASN B 178 7.39 26.45 4.94
CA ASN B 178 7.60 25.85 3.64
C ASN B 178 7.32 24.34 3.74
N PHE B 179 6.15 23.92 3.25
CA PHE B 179 5.73 22.53 3.30
C PHE B 179 4.85 22.23 2.09
N SER B 180 4.61 20.94 1.83
CA SER B 180 3.59 20.50 0.91
C SER B 180 3.20 19.07 1.23
N ARG B 181 1.99 18.70 0.81
CA ARG B 181 1.54 17.32 0.75
C ARG B 181 2.19 16.69 -0.47
N VAL B 182 3.02 15.67 -0.28
CA VAL B 182 3.75 15.12 -1.42
C VAL B 182 3.03 13.87 -1.93
N GLY B 183 2.15 13.32 -1.09
CA GLY B 183 1.29 12.24 -1.52
C GLY B 183 0.43 11.75 -0.37
N GLY B 184 -0.18 10.56 -0.54
CA GLY B 184 -1.18 10.03 0.38
C GLY B 184 -1.54 8.60 0.02
N SER B 185 -2.36 7.96 0.84
CA SER B 185 -2.73 6.58 0.63
C SER B 185 -4.14 6.32 1.14
N SER B 186 -4.90 5.58 0.34
CA SER B 186 -6.26 5.19 0.72
C SER B 186 -6.24 4.01 1.69
N LEU B 187 -5.05 3.45 1.96
CA LEU B 187 -4.98 2.29 2.85
C LEU B 187 -4.63 2.77 4.25
N GLY B 188 -5.62 3.25 5.01
CA GLY B 188 -5.37 3.86 6.30
C GLY B 188 -6.05 3.06 7.40
N GLY B 189 -6.37 3.72 8.50
CA GLY B 189 -6.91 3.05 9.67
C GLY B 189 -8.30 2.54 9.31
N GLY B 190 -8.95 3.31 8.43
CA GLY B 190 -10.24 2.96 7.87
C GLY B 190 -10.20 1.62 7.12
N THR B 191 -9.08 1.34 6.44
CA THR B 191 -9.00 0.11 5.66
C THR B 191 -8.92 -1.03 6.67
N LEU B 192 -8.19 -0.78 7.75
CA LEU B 192 -7.96 -1.81 8.74
C LEU B 192 -9.24 -2.06 9.55
N TRP B 193 -9.79 -1.01 10.15
CA TRP B 193 -11.02 -1.10 10.93
C TRP B 193 -12.12 -1.72 10.06
N GLY B 194 -12.24 -1.27 8.82
CA GLY B 194 -13.19 -1.82 7.85
C GLY B 194 -13.05 -3.33 7.62
N LEU B 195 -11.91 -3.79 7.07
CA LEU B 195 -11.76 -5.20 6.78
C LEU B 195 -11.92 -6.02 8.06
N LEU B 196 -11.26 -5.62 9.17
CA LEU B 196 -11.23 -6.44 10.37
C LEU B 196 -12.61 -6.51 11.00
N SER B 197 -13.41 -5.46 10.82
CA SER B 197 -14.69 -5.39 11.49
C SER B 197 -15.70 -6.28 10.78
N LEU B 198 -15.68 -6.24 9.45
CA LEU B 198 -16.54 -7.06 8.63
C LEU B 198 -16.09 -8.53 8.62
N ILE B 199 -14.78 -8.80 8.61
CA ILE B 199 -14.30 -10.16 8.51
C ILE B 199 -14.45 -10.85 9.86
N THR B 200 -13.90 -10.25 10.90
CA THR B 200 -13.84 -10.90 12.18
C THR B 200 -15.15 -10.68 12.93
N GLY B 201 -15.46 -9.41 13.23
CA GLY B 201 -16.61 -9.02 14.03
C GLY B 201 -16.17 -8.16 15.20
N ALA B 202 -14.87 -7.83 15.25
CA ALA B 202 -14.30 -6.98 16.29
C ALA B 202 -15.17 -5.72 16.47
N GLN B 203 -15.38 -5.35 17.75
CA GLN B 203 -16.28 -4.27 18.12
C GLN B 203 -15.57 -2.93 18.02
N THR B 204 -14.31 -2.90 18.48
CA THR B 204 -13.53 -1.70 18.70
C THR B 204 -12.11 -1.86 18.13
N TYR B 205 -11.45 -0.73 17.86
CA TYR B 205 -10.05 -0.76 17.47
C TYR B 205 -9.22 -1.41 18.59
N ASP B 206 -9.70 -1.28 19.84
CA ASP B 206 -9.01 -1.87 20.99
C ASP B 206 -9.01 -3.40 20.87
N GLN B 207 -10.17 -3.97 20.53
CA GLN B 207 -10.36 -5.40 20.54
C GLN B 207 -9.80 -6.07 19.28
N MET B 208 -9.35 -5.26 18.30
CA MET B 208 -8.59 -5.76 17.17
C MET B 208 -7.16 -6.05 17.62
N LEU B 209 -6.64 -5.17 18.48
CA LEU B 209 -5.25 -5.22 18.93
C LEU B 209 -5.08 -6.36 19.93
N ASP B 210 -6.16 -6.71 20.65
CA ASP B 210 -6.16 -7.86 21.55
C ASP B 210 -6.07 -9.13 20.71
N TRP B 211 -7.03 -9.28 19.80
CA TRP B 211 -7.04 -10.37 18.84
C TRP B 211 -5.69 -10.49 18.14
N ALA B 212 -5.10 -9.37 17.68
CA ALA B 212 -3.80 -9.35 17.00
C ALA B 212 -2.65 -9.72 17.93
N GLN B 213 -2.73 -9.25 19.18
CA GLN B 213 -1.75 -9.53 20.21
C GLN B 213 -1.63 -11.05 20.33
N GLU B 214 -2.77 -11.73 20.19
CA GLU B 214 -2.84 -13.16 20.45
C GLU B 214 -2.54 -13.95 19.17
N GLY B 215 -2.18 -13.27 18.07
CA GLY B 215 -2.35 -13.87 16.75
C GLY B 215 -1.05 -14.39 16.13
N ASP B 216 -1.17 -15.33 15.20
CA ASP B 216 -0.04 -15.74 14.37
C ASP B 216 -0.40 -15.55 12.91
N ASN B 217 0.27 -14.61 12.23
CA ASN B 217 -0.11 -14.17 10.89
C ASN B 217 0.30 -15.18 9.81
N SER B 218 1.31 -16.01 10.12
CA SER B 218 1.79 -16.98 9.13
C SER B 218 0.70 -17.99 8.78
N SER B 219 -0.33 -18.07 9.63
CA SER B 219 -1.50 -18.85 9.32
C SER B 219 -2.12 -18.40 7.99
N VAL B 220 -2.11 -17.08 7.74
CA VAL B 220 -2.76 -16.53 6.55
C VAL B 220 -1.75 -15.88 5.60
N ASP B 221 -0.55 -15.53 6.09
CA ASP B 221 0.46 -14.93 5.25
C ASP B 221 1.46 -15.97 4.74
N MET B 222 1.71 -15.90 3.44
CA MET B 222 2.82 -16.56 2.80
C MET B 222 4.11 -15.81 3.15
N LEU B 223 5.06 -16.53 3.76
CA LEU B 223 6.38 -16.02 4.10
C LEU B 223 7.40 -16.47 3.07
N VAL B 224 8.56 -15.80 3.09
CA VAL B 224 9.66 -16.11 2.20
C VAL B 224 10.00 -17.58 2.35
N GLY B 225 10.11 -18.03 3.61
CA GLY B 225 10.42 -19.41 3.96
C GLY B 225 9.44 -20.42 3.36
N ASP B 226 8.17 -20.02 3.17
CA ASP B 226 7.20 -20.84 2.49
C ASP B 226 7.53 -21.00 1.00
N ILE B 227 8.24 -20.04 0.40
CA ILE B 227 8.42 -20.05 -1.04
C ILE B 227 9.78 -20.68 -1.39
N TYR B 228 10.79 -20.37 -0.56
CA TYR B 228 12.19 -20.70 -0.82
C TYR B 228 12.69 -21.86 0.04
N GLY B 229 11.91 -22.22 1.08
CA GLY B 229 12.36 -23.16 2.10
C GLY B 229 13.60 -22.66 2.84
N THR B 230 13.98 -21.39 2.66
CA THR B 230 15.19 -20.84 3.23
C THR B 230 15.11 -19.34 3.14
N ASP B 231 16.15 -18.63 3.62
CA ASP B 231 16.29 -17.19 3.48
C ASP B 231 16.54 -16.82 2.02
N TYR B 232 16.27 -15.55 1.70
CA TYR B 232 16.59 -14.94 0.41
C TYR B 232 17.42 -13.68 0.67
N ASN B 233 18.59 -13.87 1.28
CA ASN B 233 19.36 -12.74 1.80
C ASN B 233 19.95 -11.93 0.65
N LYS B 234 20.04 -12.51 -0.54
CA LYS B 234 20.49 -11.81 -1.74
C LYS B 234 19.64 -10.56 -1.96
N ILE B 235 18.38 -10.61 -1.51
CA ILE B 235 17.49 -9.46 -1.58
C ILE B 235 17.22 -8.90 -0.18
N GLY B 236 17.87 -9.46 0.84
CA GLY B 236 17.81 -8.89 2.17
C GLY B 236 16.52 -9.28 2.88
N LEU B 237 16.00 -10.47 2.56
CA LEU B 237 14.77 -10.92 3.22
C LEU B 237 14.96 -12.30 3.81
N LYS B 238 14.59 -12.43 5.08
CA LYS B 238 14.72 -13.67 5.81
C LYS B 238 13.46 -14.49 5.58
N SER B 239 13.51 -15.77 5.99
CA SER B 239 12.43 -16.69 5.70
C SER B 239 11.14 -16.22 6.36
N SER B 240 11.28 -15.47 7.47
CA SER B 240 10.11 -15.02 8.21
C SER B 240 9.50 -13.73 7.63
N ALA B 241 10.18 -13.03 6.70
CA ALA B 241 9.57 -11.88 6.03
C ALA B 241 8.30 -12.28 5.30
N ILE B 242 7.32 -11.34 5.31
CA ILE B 242 6.00 -11.53 4.73
C ILE B 242 6.09 -11.20 3.25
N ALA B 243 5.85 -12.23 2.43
CA ALA B 243 5.92 -12.09 0.99
C ALA B 243 4.56 -11.61 0.47
N SER B 244 3.49 -12.18 1.02
CA SER B 244 2.16 -11.91 0.54
C SER B 244 1.19 -11.96 1.71
N SER B 245 0.67 -10.80 2.14
CA SER B 245 -0.33 -10.76 3.21
C SER B 245 -1.59 -11.42 2.71
N PHE B 246 -2.18 -12.31 3.52
CA PHE B 246 -3.35 -13.07 3.14
C PHE B 246 -3.07 -14.01 1.96
N GLY B 247 -1.79 -14.27 1.66
CA GLY B 247 -1.42 -15.05 0.48
C GLY B 247 -1.74 -16.54 0.58
N LYS B 248 -1.90 -17.06 1.80
CA LYS B 248 -2.31 -18.45 2.03
C LYS B 248 -3.83 -18.60 1.96
N VAL B 249 -4.59 -17.50 1.83
CA VAL B 249 -6.01 -17.59 2.12
C VAL B 249 -6.77 -18.20 0.94
N PHE B 250 -6.18 -18.15 -0.26
CA PHE B 250 -6.87 -18.59 -1.47
C PHE B 250 -6.35 -19.99 -1.86
N GLN B 251 -5.71 -20.67 -0.90
CA GLN B 251 -5.45 -22.11 -0.98
C GLN B 251 -5.87 -22.77 0.35
N PHE B 282 -10.05 -20.18 9.42
CA PHE B 282 -9.15 -19.00 9.67
C PHE B 282 -9.41 -18.38 11.03
N LYS B 283 -8.33 -18.16 11.78
CA LYS B 283 -8.42 -17.69 13.16
C LYS B 283 -8.38 -16.17 13.20
N ASN B 284 -9.40 -15.57 13.79
CA ASN B 284 -9.61 -14.13 13.83
C ASN B 284 -8.37 -13.43 14.37
N PRO B 285 -7.78 -13.90 15.48
CA PRO B 285 -6.52 -13.35 15.95
C PRO B 285 -5.45 -13.28 14.86
N ASP B 286 -5.50 -14.22 13.89
CA ASP B 286 -4.44 -14.36 12.90
C ASP B 286 -4.68 -13.30 11.83
N ILE B 287 -5.95 -13.23 11.40
CA ILE B 287 -6.42 -12.22 10.47
C ILE B 287 -6.04 -10.82 10.96
N CYS B 288 -6.30 -10.54 12.23
CA CYS B 288 -6.07 -9.20 12.77
C CYS B 288 -4.61 -8.82 12.66
N LYS B 289 -3.75 -9.73 13.11
CA LYS B 289 -2.32 -9.46 13.13
C LYS B 289 -1.80 -9.31 11.70
N SER B 290 -2.25 -10.19 10.78
CA SER B 290 -1.90 -10.14 9.37
C SER B 290 -2.18 -8.76 8.78
N LEU B 291 -3.41 -8.25 8.99
CA LEU B 291 -3.85 -7.00 8.38
C LEU B 291 -3.22 -5.76 9.03
N LEU B 292 -2.95 -5.84 10.33
CA LEU B 292 -2.27 -4.78 11.03
C LEU B 292 -0.85 -4.65 10.51
N PHE B 293 -0.16 -5.79 10.35
CA PHE B 293 1.12 -5.81 9.66
C PHE B 293 1.00 -5.28 8.24
N ALA B 294 -0.03 -5.73 7.51
CA ALA B 294 -0.19 -5.38 6.10
C ALA B 294 -0.28 -3.86 5.97
N ILE B 295 -1.12 -3.25 6.83
CA ILE B 295 -1.43 -1.85 6.63
C ILE B 295 -0.25 -1.05 7.14
N SER B 296 0.24 -1.40 8.35
CA SER B 296 1.28 -0.66 9.02
C SER B 296 2.59 -0.70 8.23
N ASN B 297 2.95 -1.89 7.73
CA ASN B 297 4.16 -2.04 6.92
C ASN B 297 4.03 -1.22 5.63
N ASN B 298 2.83 -1.15 5.07
CA ASN B 298 2.68 -0.43 3.82
C ASN B 298 2.95 1.05 4.06
N ILE B 299 2.21 1.63 5.02
CA ILE B 299 2.41 2.99 5.51
C ILE B 299 3.90 3.22 5.78
N GLY B 300 4.52 2.29 6.51
CA GLY B 300 5.94 2.36 6.79
C GLY B 300 6.77 2.56 5.52
N GLN B 301 6.53 1.70 4.52
CA GLN B 301 7.28 1.66 3.29
C GLN B 301 7.11 2.97 2.54
N ILE B 302 5.86 3.41 2.44
CA ILE B 302 5.60 4.61 1.69
C ILE B 302 6.20 5.83 2.39
N ALA B 303 6.15 5.85 3.73
CA ALA B 303 6.79 6.89 4.48
C ALA B 303 8.29 6.87 4.19
N TYR B 304 8.88 5.68 4.15
CA TYR B 304 10.30 5.57 3.90
C TYR B 304 10.59 6.15 2.51
N LEU B 305 9.82 5.71 1.52
CA LEU B 305 10.14 6.09 0.16
C LEU B 305 10.05 7.62 -0.01
N GLN B 306 9.00 8.22 0.59
CA GLN B 306 8.80 9.66 0.54
C GLN B 306 9.92 10.36 1.25
N ALA B 307 10.30 9.86 2.44
CA ALA B 307 11.39 10.46 3.18
C ALA B 307 12.67 10.37 2.33
N LYS B 308 12.82 9.27 1.59
CA LYS B 308 14.06 9.04 0.85
C LYS B 308 14.12 9.98 -0.34
N ILE B 309 12.96 10.18 -1.00
CA ILE B 309 12.87 11.09 -2.14
C ILE B 309 13.32 12.48 -1.71
N ASN B 310 13.05 12.81 -0.45
CA ASN B 310 13.18 14.17 0.07
C ASN B 310 14.34 14.29 1.07
N ASN B 311 15.16 13.22 1.21
CA ASN B 311 16.39 13.28 1.96
C ASN B 311 16.07 13.60 3.42
N ILE B 312 15.02 12.93 3.95
CA ILE B 312 14.53 13.19 5.29
C ILE B 312 14.93 12.05 6.24
N GLN B 313 15.40 12.42 7.44
CA GLN B 313 15.76 11.46 8.45
C GLN B 313 14.57 11.21 9.38
N ASN B 314 13.87 12.29 9.78
CA ASN B 314 12.91 12.20 10.87
C ASN B 314 11.49 12.15 10.34
N ILE B 315 10.72 11.13 10.77
CA ILE B 315 9.37 10.91 10.29
C ILE B 315 8.43 10.94 11.49
N TYR B 316 7.63 12.00 11.58
CA TYR B 316 6.60 12.16 12.59
C TYR B 316 5.31 11.52 12.11
N PHE B 317 4.70 10.65 12.95
CA PHE B 317 3.35 10.21 12.72
C PHE B 317 2.35 11.06 13.49
N GLY B 318 1.26 11.48 12.80
CA GLY B 318 0.08 12.10 13.37
C GLY B 318 -1.20 11.33 13.01
N GLY B 319 -2.32 11.70 13.63
CA GLY B 319 -3.61 11.09 13.32
C GLY B 319 -4.23 10.31 14.48
N SER B 320 -4.98 9.27 14.14
CA SER B 320 -5.81 8.54 15.08
C SER B 320 -5.44 7.05 15.07
N TYR B 321 -4.20 6.71 14.65
CA TYR B 321 -3.87 5.33 14.31
C TYR B 321 -2.95 4.71 15.34
N THR B 322 -2.06 5.51 15.94
CA THR B 322 -1.06 4.97 16.86
C THR B 322 -1.62 4.93 18.28
N ARG B 323 -2.07 6.08 18.79
CA ARG B 323 -3.03 6.11 19.89
C ARG B 323 -2.47 5.36 21.11
N GLY B 324 -1.16 5.50 21.32
CA GLY B 324 -0.48 4.70 22.34
C GLY B 324 -0.76 3.20 22.24
N HIS B 325 -0.73 2.65 21.01
CA HIS B 325 -0.80 1.22 20.80
C HIS B 325 0.60 0.71 20.45
N LEU B 326 1.17 0.01 21.42
CA LEU B 326 2.56 -0.40 21.43
C LEU B 326 2.88 -1.19 20.16
N THR B 327 2.03 -2.18 19.82
CA THR B 327 2.32 -3.03 18.68
C THR B 327 2.45 -2.19 17.41
N THR B 328 1.47 -1.29 17.23
CA THR B 328 1.39 -0.48 16.04
C THR B 328 2.66 0.36 15.95
N MET B 329 2.96 1.03 17.07
CA MET B 329 4.09 1.93 17.12
C MET B 329 5.37 1.17 16.82
N ASN B 330 5.48 -0.07 17.36
CA ASN B 330 6.60 -0.95 17.07
C ASN B 330 6.64 -1.29 15.57
N THR B 331 5.51 -1.73 15.01
CA THR B 331 5.45 -2.10 13.61
C THR B 331 5.94 -0.94 12.74
N LEU B 332 5.43 0.27 13.02
CA LEU B 332 5.75 1.42 12.18
C LEU B 332 7.23 1.77 12.34
N SER B 333 7.74 1.74 13.60
CA SER B 333 9.15 2.05 13.80
C SER B 333 10.04 1.05 13.04
N TYR B 334 9.64 -0.23 13.08
CA TYR B 334 10.50 -1.28 12.60
C TYR B 334 10.63 -1.17 11.08
N ALA B 335 9.50 -0.90 10.44
CA ALA B 335 9.46 -0.72 8.99
C ALA B 335 10.43 0.39 8.59
N ILE B 336 10.39 1.53 9.32
CA ILE B 336 11.23 2.67 9.04
C ILE B 336 12.68 2.26 9.23
N ASN B 337 12.93 1.64 10.40
CA ASN B 337 14.24 1.11 10.78
C ASN B 337 14.76 0.17 9.68
N PHE B 338 13.94 -0.82 9.33
CA PHE B 338 14.30 -1.87 8.40
C PHE B 338 14.65 -1.24 7.05
N TRP B 339 13.75 -0.38 6.54
CA TRP B 339 13.91 0.05 5.17
C TRP B 339 15.11 0.99 5.07
N SER B 340 15.48 1.64 6.18
CA SER B 340 16.56 2.63 6.17
C SER B 340 17.82 2.05 6.84
N GLN B 341 17.78 0.75 7.18
CA GLN B 341 18.90 0.14 7.89
C GLN B 341 19.27 1.02 9.10
N GLY B 342 18.26 1.46 9.85
CA GLY B 342 18.48 2.15 11.12
C GLY B 342 18.83 3.63 11.02
N SER B 343 18.97 4.18 9.81
CA SER B 343 19.35 5.58 9.70
C SER B 343 18.16 6.56 9.65
N LYS B 344 16.92 6.08 9.55
CA LYS B 344 15.77 6.96 9.71
C LYS B 344 14.98 6.54 10.96
N GLN B 345 14.05 7.41 11.38
CA GLN B 345 13.48 7.30 12.72
C GLN B 345 12.02 7.76 12.75
N ALA B 346 11.15 6.90 13.26
CA ALA B 346 9.78 7.23 13.55
C ALA B 346 9.66 7.96 14.91
N PHE B 347 8.86 9.03 14.94
CA PHE B 347 8.53 9.75 16.16
C PHE B 347 7.02 9.72 16.29
N PHE B 348 6.53 9.79 17.52
CA PHE B 348 5.11 9.77 17.78
C PHE B 348 4.79 10.99 18.63
N LEU B 349 3.50 11.31 18.76
CA LEU B 349 3.14 12.53 19.46
C LEU B 349 2.02 12.19 20.43
N LYS B 350 2.11 12.76 21.64
CA LYS B 350 1.09 12.58 22.66
C LYS B 350 -0.27 13.05 22.14
N HIS B 351 -0.28 14.17 21.38
CA HIS B 351 -1.50 14.74 20.83
C HIS B 351 -1.54 14.55 19.31
N GLU B 352 -1.20 13.35 18.84
CA GLU B 352 -1.05 13.04 17.42
C GLU B 352 -2.30 13.38 16.61
N GLY B 353 -3.48 13.27 17.23
CA GLY B 353 -4.77 13.50 16.58
C GLY B 353 -5.16 14.98 16.45
N TYR B 354 -4.39 15.91 17.02
CA TYR B 354 -4.88 17.27 17.13
C TYR B 354 -4.03 18.26 16.36
N LEU B 355 -3.26 17.78 15.38
CA LEU B 355 -2.33 18.65 14.70
C LEU B 355 -3.06 19.80 14.00
N GLY B 356 -4.18 19.49 13.34
CA GLY B 356 -4.87 20.44 12.47
C GLY B 356 -5.60 21.51 13.28
N ALA B 357 -6.39 21.05 14.28
CA ALA B 357 -7.01 21.94 15.26
C ALA B 357 -5.95 22.84 15.91
N MET B 358 -4.80 22.26 16.25
CA MET B 358 -3.77 23.03 16.91
C MET B 358 -3.28 24.16 15.99
N GLY B 359 -3.01 23.84 14.70
CA GLY B 359 -2.56 24.84 13.75
C GLY B 359 -3.63 25.91 13.50
N ALA B 360 -4.91 25.52 13.50
CA ALA B 360 -6.00 26.48 13.36
C ALA B 360 -6.03 27.39 14.59
N PHE B 361 -5.96 26.77 15.79
CA PHE B 361 -5.89 27.54 17.02
C PHE B 361 -4.80 28.60 16.88
N LEU B 362 -3.61 28.22 16.41
CA LEU B 362 -2.50 29.16 16.37
C LEU B 362 -2.68 30.24 15.31
N SER B 363 -3.57 30.02 14.33
CA SER B 363 -3.74 31.02 13.28
C SER B 363 -4.35 32.30 13.82
N ALA B 364 -5.23 32.20 14.84
CA ALA B 364 -5.80 33.35 15.53
C ALA B 364 -4.72 34.19 16.22
N SER B 365 -3.94 33.60 17.14
CA SER B 365 -2.74 34.19 17.67
C SER B 365 -2.20 35.26 16.68
C20 E4C C . 8.69 -10.79 -0.89
C28 E4C C . 7.66 -10.51 -3.00
C21 E4C C . 9.39 -11.87 -1.35
C27 E4C C . 8.35 -11.61 -3.48
C19 E4C C . 7.81 -10.10 -1.70
C22 E4C C . 9.21 -12.31 -2.65
C16 E4C C . 8.16 -7.76 0.53
C4 E4C C . 9.95 -6.58 0.36
C14 E4C C . 11.16 -5.07 2.40
C6 E4C C . 11.65 -5.13 1.15
C2 E4C C . 9.94 -5.87 2.69
C11 E4C C . 16.96 -3.99 2.58
C10 E4C C . 16.20 -5.32 2.63
C12 E4C C . 15.83 -3.01 2.84
C9 E4C C . 14.98 -5.42 1.67
C13 E4C C . 14.72 -2.96 1.77
C24 E4C C . 10.63 -14.29 -2.03
C25 E4C C . 11.00 -13.05 -4.16
C26 E4C C . 8.96 -14.43 -3.86
C18 E4C C . 7.05 -8.93 -1.24
C7 E4C C . 12.88 -4.32 0.83
C23 E4C C . 9.97 -13.52 -3.18
N15 E4C C . 9.14 -7.34 -0.36
N29 E4C C . 8.31 -7.29 1.78
N3 E4C C . 9.44 -6.56 1.64
N5 E4C C . 11.09 -5.87 0.10
N17 E4C C . 7.18 -8.59 0.15
N8 E4C C . 14.00 -4.26 1.79
O1 E4C C . 9.32 -5.97 3.76
S SO4 D . 3.61 -16.48 -7.34
O1 SO4 D . 4.80 -15.96 -7.98
O2 SO4 D . 2.44 -16.04 -8.05
O3 SO4 D . 3.65 -17.92 -7.38
O4 SO4 D . 3.57 -16.04 -5.95
S SO4 E . 11.22 13.48 -12.01
O1 SO4 E . 12.31 14.19 -12.64
O2 SO4 E . 10.12 13.31 -12.93
O3 SO4 E . 11.67 12.16 -11.60
O4 SO4 E . 10.77 14.21 -10.85
C1 EDO F . -3.99 6.72 -8.18
O1 EDO F . -3.73 6.90 -6.77
C2 EDO F . -5.06 7.52 -8.79
O2 EDO F . -5.79 8.41 -7.91
C1 PEG G . -11.87 23.42 -0.53
O1 PEG G . -12.27 22.91 -1.81
C2 PEG G . -10.46 23.04 -0.14
O2 PEG G . -9.80 24.12 0.51
C3 PEG G . -8.67 23.75 1.31
C4 PEG G . -8.96 23.76 2.82
O4 PEG G . -8.43 22.64 3.60
C1 PEG H . 20.12 -16.18 -1.40
O1 PEG H . 20.40 -15.33 -0.32
C2 PEG H . 18.96 -17.09 -1.11
O2 PEG H . 18.81 -18.05 -2.15
C3 PEG H . 18.42 -19.32 -1.65
C4 PEG H . 19.60 -20.08 -1.08
O4 PEG H . 19.71 -19.91 0.32
C1 EDO I . 8.91 -4.70 7.47
O1 EDO I . 9.87 -5.71 7.15
C2 EDO I . 8.88 -3.59 6.47
O2 EDO I . 8.21 -3.81 5.22
C20 E4C J . -6.95 11.65 0.32
C28 E4C J . -6.20 11.14 2.51
C21 E4C J . -7.53 12.82 0.82
C27 E4C J . -6.79 12.29 3.01
C19 E4C J . -6.28 10.80 1.18
C22 E4C J . -7.47 13.15 2.18
C16 E4C J . -5.02 9.57 -1.56
C4 E4C J . -3.53 10.77 -2.52
C14 E4C J . -2.71 10.61 -5.27
C6 E4C J . -2.19 11.49 -4.39
C2 E4C J . -3.78 9.71 -4.75
C11 E4C J . -0.17 15.24 -8.05
C10 E4C J . -1.61 14.86 -7.77
C12 E4C J . 0.63 13.96 -7.84
C9 E4C J . -1.94 14.06 -6.49
C13 E4C J . 0.40 13.35 -6.47
C24 E4C J . -8.90 14.16 4.02
C25 E4C J . -9.11 15.03 1.86
C26 E4C J . -6.96 15.38 3.08
C18 E4C J . -5.62 9.53 0.78
C7 E4C J . -1.14 12.42 -4.84
C23 E4C J . -8.08 14.41 2.77
N15 E4C J . -4.12 10.57 -1.36
N29 E4C J . -5.01 9.11 -2.81
N3 E4C J . -4.08 9.89 -3.40
N5 E4C J . -2.57 11.58 -3.03
N17 E4C J . -5.81 9.09 -0.59
N8 E4C J . -1.03 12.93 -6.23
O1 E4C J . -4.43 8.84 -5.35
S SO4 K . -10.43 10.91 9.65
O1 SO4 K . -11.03 10.54 8.38
O2 SO4 K . -11.34 11.78 10.37
O3 SO4 K . -10.21 9.73 10.42
O4 SO4 K . -9.18 11.59 9.40
S SO4 L . -23.56 37.25 23.55
O1 SO4 L . -23.61 37.33 22.10
O2 SO4 L . -24.42 38.26 24.10
O3 SO4 L . -23.98 35.93 23.98
O4 SO4 L . -22.22 37.49 24.00
C1 EDO M . -8.64 11.82 13.01
O1 EDO M . -9.30 12.45 11.92
C2 EDO M . -7.37 12.36 13.50
O2 EDO M . -7.42 13.74 13.56
#